data_7XK8
#
_entry.id   7XK8
#
_cell.length_a   1.00
_cell.length_b   1.00
_cell.length_c   1.00
_cell.angle_alpha   90.00
_cell.angle_beta   90.00
_cell.angle_gamma   90.00
#
_symmetry.space_group_name_H-M   'P 1'
#
loop_
_entity.id
_entity.type
_entity.pdbx_description
1 polymer Neuromedin-U-25
2 polymer 'Neuromedin-U receptor 2'
3 polymer 'Guanine nucleotide-binding protein G(i) subunit alpha-1'
4 polymer 'Guanine nucleotide-binding protein G(I)/G(S)/G(T) subunit beta-1'
5 polymer 'Guanine nucleotide-binding protein G(I)/G(S)/G(O) subunit gamma-2'
#
loop_
_entity_poly.entity_id
_entity_poly.type
_entity_poly.pdbx_seq_one_letter_code
_entity_poly.pdbx_strand_id
1 'polypeptide(L)' FRVDEEFQSPFASQSRGYFLFRPRN(NH2) P
2 'polypeptide(L)'
;DYKDDDDGAPMSGMEKLQNASWIYQQKLEDPFQKHLNSTEEYLAFLCGPRRSHFFLPVSVVYVPIFVVGVIGNVLVCLVI
LQHQAMKTPTNYYLFSLAVSDLLVLLLGMPLEVYEMWRNYPFLFGPVGCYFKTALFETVCFASILSITTVSVERYVAILH
PFRAKLQSTRRRALRILGIVWGFSVLFSLPNTSIHGIKFHYFPNGSLVPGSATCTVIKPMWIYNFIIQVTSFLFYLLPMT
VISVLYYLMALRLKKDKSLEADEGNANIQRPCRKSVNKMLFVLVLVFAICWAPFHIDRLFFSFVEEWSESLAAVFNLVHV
VSGVFFYLSSAVNPIIYNLLSRRFQAAFQNVISSFEFLEVLFQGPWSHPQFEKGGGSGGGSGGSAWSHPQFEK
;
R
3 'polypeptide(L)'
;MGCTLSAEDKAAVERSKMIDRNLREDGEKAAREVKLLLLGAGESGKCTIVKQMKIIHEAGYSEEECKQYKAVVYSNTIQS
IIAIIRAMGRLKIDFGDSARADDARQLFVLAGAAEEGFMTAELAGVIKRLWKDSGVQACFNRSREYQLNDSAAYYLNDLD
RIAQPNYIPTQQDVLRTRVKTTGIVETHFTFKDLHFKMFDVTAQRSERKKWIHCFEGVTAIIFCVALSDYDLVLAEDEEM
NRMHASMKLFDSICNNKWFTDTSIILFLNKKDLFEEKIKKSPLTICYPEYAGSNTYEEAAAYIQCQFEDLNKRKDTKEIY
THFTCSTDTKNVQFVFDAVTDVIIKNNLKDCGLF
;
A
4 'polypeptide(L)'
;MHHHHHHGSLLQSELDQLRQEAEQLKNQIRDARKACADATLSQITNNIDPVGRIQMRTRRTLRGHLAKIYAMHWGTDSRL
LVSASQDGKLIIWDSYTTNKVHAIPLRSSWVMTCAYAPSGNYVACGGLDNICSIYNLKTREGNVRVSRELAGHTGYLSCC
RFLDDNQIVTSSGDTTCALWDIETGQQTTTFTGHTGDVMSLSLAPDTRLFVSGACDASAKLWDVREGMCRQTFTGHESDI
NAICFFPNGNAFATGSDDATCRLFDLRADQELMTYSHDNIICGITSVSFSKSGRLLLAGYDDFNCNVWDALKADRAGVLA
GHDNRVSCLGVTDDGMAVATGSWDSFLKIWN
;
B
5 'polypeptide(L)' MASNNTASIAQARKLVEQLKMEANIDRIKVSKAAADLMAYCEAHAKEDPLLTPVPASENPFREKKFFCAIL C
#
loop_
_chem_comp.id
_chem_comp.type
_chem_comp.name
_chem_comp.formula
NH2 non-polymer 'AMINO GROUP' 'H2 N'
#
# COMPACT_ATOMS: atom_id res chain seq x y z
N PHE A 1 -15.45 -52.96 -50.49
CA PHE A 1 -14.42 -53.03 -49.47
C PHE A 1 -15.00 -53.45 -48.12
N ARG A 2 -15.71 -54.58 -48.11
CA ARG A 2 -16.29 -55.08 -46.87
C ARG A 2 -15.23 -55.62 -45.92
N VAL A 3 -14.06 -56.00 -46.43
CA VAL A 3 -12.98 -56.48 -45.57
C VAL A 3 -12.17 -55.35 -44.96
N ASP A 4 -12.58 -54.11 -45.17
CA ASP A 4 -11.85 -52.95 -44.67
C ASP A 4 -12.10 -52.78 -43.17
N GLU A 5 -11.67 -51.65 -42.63
CA GLU A 5 -11.77 -51.40 -41.20
C GLU A 5 -13.21 -51.47 -40.71
N GLU A 6 -14.07 -50.60 -41.25
CA GLU A 6 -15.47 -50.55 -40.83
C GLU A 6 -16.43 -50.99 -41.93
N PHE A 7 -16.37 -50.35 -43.10
CA PHE A 7 -17.21 -50.67 -44.25
C PHE A 7 -18.70 -50.54 -43.97
N GLN A 8 -19.08 -49.94 -42.85
CA GLN A 8 -20.47 -49.77 -42.48
C GLN A 8 -20.75 -48.31 -42.14
N SER A 9 -22.03 -47.95 -42.13
CA SER A 9 -22.43 -46.59 -41.80
C SER A 9 -22.25 -46.25 -40.32
N PRO A 10 -22.52 -47.18 -39.35
CA PRO A 10 -22.24 -46.85 -37.95
C PRO A 10 -20.76 -47.01 -37.66
N PHE A 11 -20.07 -45.89 -37.46
CA PHE A 11 -18.65 -45.90 -37.18
C PHE A 11 -18.27 -44.61 -36.46
N ALA A 12 -17.27 -44.70 -35.58
CA ALA A 12 -16.86 -43.55 -34.80
C ALA A 12 -16.23 -42.45 -35.63
N SER A 13 -15.82 -42.76 -36.87
CA SER A 13 -15.18 -41.76 -37.72
C SER A 13 -16.20 -40.71 -38.16
N GLN A 14 -15.69 -39.67 -38.82
CA GLN A 14 -16.53 -38.57 -39.27
C GLN A 14 -17.42 -39.01 -40.43
N SER A 15 -18.36 -38.13 -40.77
CA SER A 15 -19.29 -38.34 -41.89
C SER A 15 -20.10 -39.63 -41.70
N ARG A 16 -20.70 -39.76 -40.51
CA ARG A 16 -21.53 -40.92 -40.21
C ARG A 16 -23.01 -40.62 -40.39
N GLY A 17 -23.48 -39.47 -39.93
CA GLY A 17 -24.88 -39.10 -39.95
C GLY A 17 -25.51 -39.01 -38.58
N TYR A 18 -24.93 -39.66 -37.58
CA TYR A 18 -25.38 -39.58 -36.20
C TYR A 18 -24.69 -38.40 -35.51
N PHE A 19 -24.76 -38.34 -34.19
CA PHE A 19 -24.09 -37.28 -33.44
C PHE A 19 -22.59 -37.42 -33.60
N LEU A 20 -21.99 -36.53 -34.40
CA LEU A 20 -20.56 -36.62 -34.68
C LEU A 20 -19.75 -35.98 -33.56
N PHE A 21 -20.07 -34.75 -33.18
CA PHE A 21 -19.34 -34.04 -32.15
C PHE A 21 -19.93 -34.40 -30.79
N ARG A 22 -19.08 -34.92 -29.90
CA ARG A 22 -19.51 -35.26 -28.56
C ARG A 22 -19.82 -33.99 -27.76
N PRO A 23 -20.72 -34.07 -26.78
CA PRO A 23 -21.01 -32.89 -25.96
C PRO A 23 -19.80 -32.44 -25.17
N ARG A 24 -19.77 -31.14 -24.87
CA ARG A 24 -18.65 -30.55 -24.15
C ARG A 24 -18.53 -31.10 -22.74
N ASN A 25 -19.68 -31.35 -22.11
CA ASN A 25 -19.74 -31.88 -20.75
C ASN A 25 -18.96 -31.00 -19.78
N NH2 A 26 -18.05 -31.60 -18.81
N SER B 52 -24.20 -32.69 -40.40
CA SER B 52 -23.13 -32.36 -41.31
C SER B 52 -21.80 -32.20 -40.57
N HIS B 53 -20.70 -32.36 -41.28
CA HIS B 53 -19.36 -32.23 -40.71
C HIS B 53 -18.61 -31.14 -41.46
N PHE B 54 -18.22 -30.09 -40.73
CA PHE B 54 -17.49 -28.96 -41.30
C PHE B 54 -16.34 -28.60 -40.37
N PHE B 55 -15.11 -28.70 -40.87
CA PHE B 55 -13.93 -28.37 -40.09
C PHE B 55 -13.38 -26.99 -40.42
N LEU B 56 -13.49 -26.56 -41.68
CA LEU B 56 -12.95 -25.26 -42.06
C LEU B 56 -13.69 -24.10 -41.41
N PRO B 57 -15.02 -24.02 -41.42
CA PRO B 57 -15.67 -22.88 -40.76
C PRO B 57 -15.46 -22.86 -39.26
N VAL B 58 -15.43 -24.02 -38.61
CA VAL B 58 -15.24 -24.06 -37.16
C VAL B 58 -13.88 -23.48 -36.79
N SER B 59 -12.82 -23.90 -37.48
CA SER B 59 -11.50 -23.38 -37.20
C SER B 59 -11.39 -21.91 -37.60
N VAL B 60 -12.01 -21.52 -38.71
CA VAL B 60 -11.93 -20.14 -39.18
C VAL B 60 -12.65 -19.20 -38.24
N VAL B 61 -13.66 -19.68 -37.51
CA VAL B 61 -14.35 -18.86 -36.54
C VAL B 61 -13.74 -18.98 -35.13
N TYR B 62 -13.00 -20.05 -34.85
CA TYR B 62 -12.40 -20.22 -33.54
C TYR B 62 -11.02 -19.56 -33.44
N VAL B 63 -10.33 -19.38 -34.56
CA VAL B 63 -9.02 -18.74 -34.53
C VAL B 63 -9.08 -17.31 -34.02
N PRO B 64 -9.94 -16.43 -34.55
CA PRO B 64 -10.01 -15.08 -33.99
C PRO B 64 -10.54 -15.04 -32.57
N ILE B 65 -11.46 -15.95 -32.22
CA ILE B 65 -11.96 -16.02 -30.85
C ILE B 65 -10.83 -16.37 -29.89
N PHE B 66 -10.03 -17.37 -30.24
CA PHE B 66 -8.90 -17.75 -29.39
C PHE B 66 -7.86 -16.64 -29.33
N VAL B 67 -7.65 -15.94 -30.45
CA VAL B 67 -6.69 -14.83 -30.46
C VAL B 67 -7.15 -13.73 -29.51
N VAL B 68 -8.43 -13.36 -29.59
CA VAL B 68 -8.97 -12.34 -28.71
C VAL B 68 -8.89 -12.79 -27.25
N GLY B 69 -9.15 -14.07 -27.00
CA GLY B 69 -9.08 -14.57 -25.63
C GLY B 69 -7.68 -14.50 -25.05
N VAL B 70 -6.68 -14.95 -25.82
CA VAL B 70 -5.32 -14.93 -25.30
C VAL B 70 -4.82 -13.49 -25.18
N ILE B 71 -5.23 -12.60 -26.09
CA ILE B 71 -4.85 -11.20 -25.97
C ILE B 71 -5.45 -10.58 -24.72
N GLY B 72 -6.73 -10.88 -24.44
CA GLY B 72 -7.35 -10.36 -23.24
C GLY B 72 -6.71 -10.90 -21.97
N ASN B 73 -6.36 -12.19 -21.97
CA ASN B 73 -5.70 -12.75 -20.80
C ASN B 73 -4.31 -12.12 -20.60
N VAL B 74 -3.58 -11.87 -21.69
CA VAL B 74 -2.28 -11.23 -21.58
C VAL B 74 -2.43 -9.82 -21.03
N LEU B 75 -3.45 -9.09 -21.50
CA LEU B 75 -3.69 -7.75 -20.99
C LEU B 75 -4.06 -7.76 -19.52
N VAL B 76 -4.87 -8.74 -19.11
CA VAL B 76 -5.25 -8.84 -17.70
C VAL B 76 -4.03 -9.15 -16.84
N CYS B 77 -3.18 -10.08 -17.30
CA CYS B 77 -1.97 -10.40 -16.56
C CYS B 77 -1.04 -9.19 -16.47
N LEU B 78 -0.96 -8.40 -17.55
CA LEU B 78 -0.10 -7.23 -17.55
C LEU B 78 -0.62 -6.17 -16.56
N VAL B 79 -1.93 -5.91 -16.57
CA VAL B 79 -2.48 -4.91 -15.66
C VAL B 79 -2.50 -5.42 -14.21
N ILE B 80 -2.46 -6.73 -14.01
CA ILE B 80 -2.37 -7.27 -12.65
C ILE B 80 -0.95 -7.18 -12.13
N LEU B 81 0.04 -7.45 -13.00
CA LEU B 81 1.44 -7.35 -12.57
C LEU B 81 1.80 -5.92 -12.18
N GLN B 82 1.20 -4.93 -12.84
CA GLN B 82 1.42 -3.54 -12.50
C GLN B 82 0.67 -3.19 -11.22
N HIS B 83 1.39 -2.63 -10.24
CA HIS B 83 0.84 -2.26 -8.95
C HIS B 83 0.18 -3.47 -8.26
N GLN B 84 1.02 -4.47 -7.99
CA GLN B 84 0.53 -5.68 -7.34
C GLN B 84 0.19 -5.43 -5.88
N ALA B 85 0.91 -4.52 -5.23
CA ALA B 85 0.62 -4.21 -3.83
C ALA B 85 -0.72 -3.48 -3.70
N MET B 86 -0.99 -2.52 -4.59
CA MET B 86 -2.25 -1.80 -4.56
C MET B 86 -3.40 -2.60 -5.15
N LYS B 87 -3.15 -3.82 -5.62
CA LYS B 87 -4.20 -4.64 -6.22
C LYS B 87 -5.23 -5.02 -5.17
N THR B 88 -6.50 -4.79 -5.50
CA THR B 88 -7.60 -5.11 -4.61
C THR B 88 -7.96 -6.59 -4.73
N PRO B 89 -8.56 -7.18 -3.69
CA PRO B 89 -9.01 -8.58 -3.80
C PRO B 89 -9.96 -8.82 -4.97
N THR B 90 -10.72 -7.81 -5.39
CA THR B 90 -11.52 -7.95 -6.60
C THR B 90 -10.62 -8.15 -7.82
N ASN B 91 -9.47 -7.48 -7.86
CA ASN B 91 -8.52 -7.73 -8.94
C ASN B 91 -7.97 -9.15 -8.89
N TYR B 92 -7.81 -9.71 -7.69
CA TYR B 92 -7.37 -11.10 -7.59
C TYR B 92 -8.47 -12.05 -8.08
N TYR B 93 -9.73 -11.76 -7.76
CA TYR B 93 -10.83 -12.53 -8.31
C TYR B 93 -10.85 -12.46 -9.83
N LEU B 94 -10.63 -11.27 -10.38
CA LEU B 94 -10.62 -11.11 -11.83
C LEU B 94 -9.44 -11.85 -12.46
N PHE B 95 -8.29 -11.85 -11.81
CA PHE B 95 -7.15 -12.59 -12.31
C PHE B 95 -7.42 -14.09 -12.29
N SER B 96 -8.05 -14.60 -11.23
CA SER B 96 -8.42 -16.00 -11.18
C SER B 96 -9.42 -16.34 -12.29
N LEU B 97 -10.39 -15.46 -12.53
CA LEU B 97 -11.35 -15.67 -13.60
C LEU B 97 -10.66 -15.69 -14.97
N ALA B 98 -9.66 -14.82 -15.16
CA ALA B 98 -8.93 -14.80 -16.42
C ALA B 98 -8.11 -16.06 -16.61
N VAL B 99 -7.48 -16.55 -15.53
CA VAL B 99 -6.73 -17.80 -15.63
C VAL B 99 -7.67 -18.97 -15.94
N SER B 100 -8.86 -18.98 -15.33
CA SER B 100 -9.83 -20.02 -15.63
C SER B 100 -10.31 -19.94 -17.07
N ASP B 101 -10.48 -18.71 -17.59
CA ASP B 101 -10.86 -18.55 -18.99
C ASP B 101 -9.77 -19.05 -19.93
N LEU B 102 -8.52 -18.75 -19.62
CA LEU B 102 -7.42 -19.28 -20.43
C LEU B 102 -7.39 -20.81 -20.37
N LEU B 103 -7.64 -21.37 -19.19
CA LEU B 103 -7.63 -22.83 -19.06
C LEU B 103 -8.73 -23.45 -19.91
N VAL B 104 -9.95 -22.92 -19.83
CA VAL B 104 -11.03 -23.50 -20.62
C VAL B 104 -10.80 -23.28 -22.11
N LEU B 105 -10.16 -22.16 -22.49
CA LEU B 105 -9.90 -21.90 -23.90
C LEU B 105 -8.87 -22.88 -24.46
N LEU B 106 -7.76 -23.07 -23.74
CA LEU B 106 -6.73 -24.01 -24.19
C LEU B 106 -7.09 -25.46 -23.92
N LEU B 107 -8.20 -25.71 -23.23
CA LEU B 107 -8.73 -27.06 -23.14
C LEU B 107 -9.78 -27.35 -24.20
N GLY B 108 -10.45 -26.29 -24.70
CA GLY B 108 -11.46 -26.46 -25.73
C GLY B 108 -10.90 -26.42 -27.13
N MET B 109 -10.17 -25.35 -27.47
CA MET B 109 -9.70 -25.18 -28.84
C MET B 109 -8.87 -26.36 -29.36
N PRO B 110 -7.81 -26.82 -28.66
CA PRO B 110 -7.07 -27.99 -29.19
C PRO B 110 -7.92 -29.24 -29.26
N LEU B 111 -8.70 -29.52 -28.20
CA LEU B 111 -9.58 -30.68 -28.24
C LEU B 111 -10.63 -30.54 -29.34
N GLU B 112 -11.11 -29.32 -29.58
CA GLU B 112 -12.11 -29.13 -30.63
C GLU B 112 -11.52 -29.38 -32.02
N VAL B 113 -10.33 -28.85 -32.29
CA VAL B 113 -9.76 -29.07 -33.61
C VAL B 113 -9.34 -30.52 -33.79
N TYR B 114 -8.93 -31.19 -32.70
CA TYR B 114 -8.59 -32.61 -32.80
C TYR B 114 -9.83 -33.44 -33.05
N GLU B 115 -10.95 -33.10 -32.41
CA GLU B 115 -12.20 -33.81 -32.65
C GLU B 115 -12.70 -33.58 -34.08
N MET B 116 -12.55 -32.35 -34.58
CA MET B 116 -12.92 -32.07 -35.96
C MET B 116 -12.02 -32.82 -36.94
N TRP B 117 -10.76 -33.03 -36.58
CA TRP B 117 -9.88 -33.83 -37.42
C TRP B 117 -10.17 -35.32 -37.27
N ARG B 118 -10.37 -35.79 -36.05
CA ARG B 118 -10.69 -37.19 -35.80
C ARG B 118 -11.52 -37.29 -34.53
N ASN B 119 -12.68 -37.94 -34.62
CA ASN B 119 -13.57 -38.04 -33.46
C ASN B 119 -12.94 -38.87 -32.35
N TYR B 120 -12.20 -39.92 -32.70
CA TYR B 120 -11.53 -40.71 -31.68
C TYR B 120 -10.29 -39.98 -31.17
N PRO B 121 -9.97 -40.08 -29.89
CA PRO B 121 -8.80 -39.40 -29.36
C PRO B 121 -7.51 -39.97 -29.95
N PHE B 122 -6.54 -39.08 -30.15
CA PHE B 122 -5.23 -39.44 -30.70
C PHE B 122 -4.21 -39.43 -29.57
N LEU B 123 -3.60 -40.59 -29.32
CA LEU B 123 -2.60 -40.75 -28.27
C LEU B 123 -3.15 -40.37 -26.90
N PHE B 124 -4.42 -40.74 -26.66
CA PHE B 124 -5.10 -40.46 -25.40
C PHE B 124 -5.91 -41.68 -25.00
N GLY B 125 -5.58 -42.28 -23.86
CA GLY B 125 -6.28 -43.43 -23.37
C GLY B 125 -7.52 -43.05 -22.58
N PRO B 126 -8.07 -44.05 -21.86
CA PRO B 126 -9.25 -43.77 -21.04
C PRO B 126 -8.98 -42.82 -19.89
N VAL B 127 -7.86 -43.01 -19.19
CA VAL B 127 -7.51 -42.10 -18.11
C VAL B 127 -7.26 -40.70 -18.65
N GLY B 128 -6.74 -40.59 -19.87
CA GLY B 128 -6.55 -39.28 -20.48
C GLY B 128 -7.86 -38.55 -20.68
N CYS B 129 -8.86 -39.23 -21.26
CA CYS B 129 -10.17 -38.64 -21.42
C CYS B 129 -10.80 -38.31 -20.07
N TYR B 130 -10.63 -39.18 -19.08
CA TYR B 130 -11.16 -38.91 -17.75
C TYR B 130 -10.58 -37.62 -17.18
N PHE B 131 -9.25 -37.49 -17.23
CA PHE B 131 -8.60 -36.30 -16.69
C PHE B 131 -9.00 -35.05 -17.47
N LYS B 132 -9.08 -35.15 -18.80
CA LYS B 132 -9.44 -33.99 -19.60
C LYS B 132 -10.86 -33.53 -19.31
N THR B 133 -11.80 -34.48 -19.24
CA THR B 133 -13.18 -34.12 -18.93
C THR B 133 -13.31 -33.54 -17.53
N ALA B 134 -12.60 -34.13 -16.56
CA ALA B 134 -12.65 -33.61 -15.20
C ALA B 134 -12.10 -32.18 -15.15
N LEU B 135 -10.97 -31.94 -15.81
CA LEU B 135 -10.38 -30.61 -15.80
C LEU B 135 -11.29 -29.60 -16.49
N PHE B 136 -11.86 -29.96 -17.64
CA PHE B 136 -12.75 -29.05 -18.34
C PHE B 136 -13.97 -28.71 -17.50
N GLU B 137 -14.60 -29.73 -16.91
CA GLU B 137 -15.80 -29.50 -16.11
C GLU B 137 -15.49 -28.65 -14.89
N THR B 138 -14.40 -28.96 -14.19
CA THR B 138 -14.07 -28.19 -12.98
C THR B 138 -13.65 -26.77 -13.33
N VAL B 139 -13.04 -26.55 -14.51
CA VAL B 139 -12.66 -25.20 -14.89
C VAL B 139 -13.91 -24.38 -15.25
N CYS B 140 -14.84 -25.00 -15.97
CA CYS B 140 -16.09 -24.30 -16.28
C CYS B 140 -16.87 -23.98 -15.00
N PHE B 141 -16.94 -24.93 -14.08
CA PHE B 141 -17.64 -24.70 -12.81
C PHE B 141 -16.96 -23.60 -12.02
N ALA B 142 -15.62 -23.62 -11.96
CA ALA B 142 -14.89 -22.56 -11.25
C ALA B 142 -15.14 -21.20 -11.89
N SER B 143 -15.19 -21.16 -13.23
CA SER B 143 -15.43 -19.90 -13.91
C SER B 143 -16.80 -19.34 -13.57
N ILE B 144 -17.85 -20.16 -13.70
CA ILE B 144 -19.20 -19.66 -13.45
C ILE B 144 -19.38 -19.30 -11.97
N LEU B 145 -18.79 -20.10 -11.08
CA LEU B 145 -18.94 -19.83 -9.65
C LEU B 145 -18.17 -18.59 -9.24
N SER B 146 -16.98 -18.37 -9.82
CA SER B 146 -16.24 -17.15 -9.55
C SER B 146 -16.97 -15.92 -10.09
N ILE B 147 -17.63 -16.06 -11.24
CA ILE B 147 -18.46 -14.97 -11.74
C ILE B 147 -19.59 -14.68 -10.75
N THR B 148 -20.20 -15.73 -10.20
CA THR B 148 -21.27 -15.54 -9.22
C THR B 148 -20.75 -14.84 -7.96
N THR B 149 -19.58 -15.26 -7.47
CA THR B 149 -19.02 -14.62 -6.28
C THR B 149 -18.62 -13.18 -6.55
N VAL B 150 -18.10 -12.89 -7.74
CA VAL B 150 -17.79 -11.50 -8.10
C VAL B 150 -19.07 -10.67 -8.11
N SER B 151 -20.15 -11.21 -8.67
CA SER B 151 -21.43 -10.52 -8.66
C SER B 151 -21.89 -10.24 -7.23
N VAL B 152 -21.84 -11.25 -6.37
CA VAL B 152 -22.37 -11.07 -5.02
C VAL B 152 -21.49 -10.13 -4.20
N GLU B 153 -20.17 -10.14 -4.42
CA GLU B 153 -19.31 -9.23 -3.67
C GLU B 153 -19.48 -7.80 -4.15
N ARG B 154 -19.64 -7.60 -5.46
CA ARG B 154 -19.94 -6.26 -5.96
C ARG B 154 -21.27 -5.77 -5.40
N TYR B 155 -22.26 -6.67 -5.30
CA TYR B 155 -23.56 -6.28 -4.77
C TYR B 155 -23.45 -5.86 -3.31
N VAL B 156 -22.80 -6.68 -2.47
CA VAL B 156 -22.70 -6.35 -1.05
C VAL B 156 -21.77 -5.17 -0.82
N ALA B 157 -20.87 -4.87 -1.76
CA ALA B 157 -19.99 -3.71 -1.60
C ALA B 157 -20.72 -2.42 -1.98
N ILE B 158 -21.49 -2.44 -3.07
CA ILE B 158 -22.23 -1.25 -3.45
C ILE B 158 -23.41 -1.02 -2.52
N LEU B 159 -23.91 -2.08 -1.87
CA LEU B 159 -25.00 -1.91 -0.92
C LEU B 159 -24.50 -1.48 0.45
N HIS B 160 -23.35 -2.00 0.86
CA HIS B 160 -22.73 -1.65 2.14
C HIS B 160 -21.27 -1.32 1.89
N PRO B 161 -20.96 -0.08 1.50
CA PRO B 161 -19.55 0.28 1.23
C PRO B 161 -18.69 0.23 2.47
N PHE B 162 -19.22 0.67 3.62
CA PHE B 162 -18.43 0.64 4.86
C PHE B 162 -18.09 -0.80 5.25
N ARG B 163 -19.01 -1.74 5.02
CA ARG B 163 -18.74 -3.13 5.36
C ARG B 163 -17.62 -3.71 4.51
N ALA B 164 -17.62 -3.40 3.21
CA ALA B 164 -16.56 -3.91 2.34
C ALA B 164 -15.25 -3.17 2.57
N LYS B 165 -15.32 -1.96 3.11
CA LYS B 165 -14.09 -1.18 3.31
C LYS B 165 -13.35 -1.61 4.58
N LEU B 166 -14.08 -2.12 5.58
CA LEU B 166 -13.46 -2.44 6.85
C LEU B 166 -12.80 -3.82 6.81
N GLN B 167 -11.94 -4.05 7.80
CA GLN B 167 -11.34 -5.35 8.10
C GLN B 167 -10.31 -5.78 7.06
N SER B 168 -10.15 -5.01 5.98
CA SER B 168 -9.21 -5.31 4.90
C SER B 168 -9.40 -6.74 4.40
N THR B 169 -10.58 -7.00 3.83
CA THR B 169 -10.99 -8.33 3.43
C THR B 169 -10.21 -8.75 2.19
N ARG B 170 -8.98 -9.22 2.42
CA ARG B 170 -8.10 -9.69 1.36
C ARG B 170 -7.83 -11.18 1.43
N ARG B 171 -7.34 -11.67 2.58
CA ARG B 171 -7.08 -13.10 2.72
C ARG B 171 -8.37 -13.91 2.74
N ARG B 172 -9.46 -13.32 3.25
CA ARG B 172 -10.75 -14.00 3.19
C ARG B 172 -11.18 -14.25 1.76
N ALA B 173 -10.87 -13.34 0.84
CA ALA B 173 -11.16 -13.55 -0.57
C ALA B 173 -10.38 -14.74 -1.12
N LEU B 174 -9.11 -14.87 -0.70
CA LEU B 174 -8.30 -16.02 -1.14
C LEU B 174 -8.88 -17.32 -0.60
N ARG B 175 -9.26 -17.35 0.67
CA ARG B 175 -9.88 -18.54 1.23
C ARG B 175 -11.18 -18.87 0.53
N ILE B 176 -11.96 -17.84 0.18
CA ILE B 176 -13.23 -18.07 -0.49
C ILE B 176 -13.00 -18.65 -1.88
N LEU B 177 -12.10 -18.08 -2.66
CA LEU B 177 -11.83 -18.62 -3.98
C LEU B 177 -11.26 -20.03 -3.91
N GLY B 178 -10.45 -20.31 -2.89
CA GLY B 178 -9.96 -21.67 -2.71
C GLY B 178 -11.07 -22.66 -2.41
N ILE B 179 -12.00 -22.28 -1.53
CA ILE B 179 -13.11 -23.18 -1.21
C ILE B 179 -14.04 -23.33 -2.40
N VAL B 180 -14.16 -22.30 -3.25
CA VAL B 180 -14.97 -22.42 -4.45
C VAL B 180 -14.31 -23.36 -5.46
N TRP B 181 -12.99 -23.27 -5.61
CA TRP B 181 -12.29 -24.22 -6.47
C TRP B 181 -12.43 -25.64 -5.94
N GLY B 182 -12.35 -25.81 -4.62
CA GLY B 182 -12.55 -27.13 -4.04
C GLY B 182 -13.96 -27.67 -4.29
N PHE B 183 -14.97 -26.81 -4.15
CA PHE B 183 -16.34 -27.23 -4.42
C PHE B 183 -16.53 -27.57 -5.89
N SER B 184 -15.88 -26.81 -6.78
CA SER B 184 -15.97 -27.11 -8.21
C SER B 184 -15.34 -28.46 -8.53
N VAL B 185 -14.20 -28.76 -7.90
CA VAL B 185 -13.57 -30.06 -8.10
C VAL B 185 -14.46 -31.18 -7.56
N LEU B 186 -15.04 -30.96 -6.37
CA LEU B 186 -15.87 -31.99 -5.76
C LEU B 186 -17.18 -32.19 -6.50
N PHE B 187 -17.62 -31.18 -7.27
CA PHE B 187 -18.81 -31.32 -8.09
C PHE B 187 -18.51 -31.90 -9.47
N SER B 188 -17.31 -31.65 -10.00
CA SER B 188 -16.92 -32.22 -11.28
C SER B 188 -16.46 -33.66 -11.17
N LEU B 189 -16.02 -34.09 -9.99
CA LEU B 189 -15.60 -35.48 -9.82
C LEU B 189 -16.72 -36.48 -10.10
N PRO B 190 -17.93 -36.35 -9.55
CA PRO B 190 -18.95 -37.35 -9.85
C PRO B 190 -19.41 -37.33 -11.29
N ASN B 191 -19.57 -36.14 -11.88
CA ASN B 191 -19.99 -36.05 -13.28
C ASN B 191 -18.95 -36.65 -14.22
N THR B 192 -17.68 -36.63 -13.83
CA THR B 192 -16.63 -37.24 -14.64
C THR B 192 -16.53 -38.74 -14.40
N SER B 193 -16.78 -39.18 -13.16
CA SER B 193 -16.71 -40.60 -12.86
C SER B 193 -17.75 -41.39 -13.65
N ILE B 194 -18.87 -40.77 -14.02
CA ILE B 194 -19.92 -41.42 -14.79
C ILE B 194 -19.57 -41.21 -16.26
N HIS B 195 -18.73 -42.11 -16.79
CA HIS B 195 -18.29 -42.04 -18.17
C HIS B 195 -17.77 -43.41 -18.58
N GLY B 196 -18.06 -43.81 -19.83
CA GLY B 196 -17.69 -45.13 -20.27
C GLY B 196 -17.39 -45.26 -21.75
N ILE B 197 -16.48 -46.18 -22.09
CA ILE B 197 -16.19 -46.53 -23.48
C ILE B 197 -16.82 -47.90 -23.74
N LYS B 198 -17.82 -47.96 -24.62
CA LYS B 198 -18.43 -49.26 -24.88
C LYS B 198 -17.42 -50.23 -25.48
N PHE B 199 -17.03 -49.97 -26.73
CA PHE B 199 -16.12 -50.82 -27.49
C PHE B 199 -15.96 -50.25 -28.89
N HIS B 200 -15.10 -50.85 -29.71
CA HIS B 200 -15.21 -50.65 -31.15
C HIS B 200 -16.46 -51.35 -31.68
N TYR B 201 -16.76 -52.53 -31.12
CA TYR B 201 -18.01 -53.25 -31.35
C TYR B 201 -18.24 -53.55 -32.83
N PHE B 202 -17.35 -54.37 -33.38
CA PHE B 202 -17.53 -54.95 -34.70
C PHE B 202 -17.38 -56.47 -34.58
N PRO B 203 -18.33 -57.26 -35.08
CA PRO B 203 -18.29 -58.72 -34.88
C PRO B 203 -17.36 -59.42 -35.87
N ASN B 204 -16.11 -58.98 -35.90
CA ASN B 204 -15.10 -59.55 -36.78
C ASN B 204 -13.74 -59.43 -36.11
N GLY B 205 -12.74 -60.04 -36.74
CA GLY B 205 -11.37 -59.93 -36.29
C GLY B 205 -11.14 -60.44 -34.88
N SER B 206 -9.99 -60.04 -34.34
CA SER B 206 -9.59 -60.41 -32.98
C SER B 206 -9.30 -59.22 -32.09
N LEU B 207 -9.01 -58.05 -32.66
CA LEU B 207 -8.69 -56.87 -31.88
C LEU B 207 -9.41 -55.67 -32.47
N VAL B 208 -9.51 -54.61 -31.67
CA VAL B 208 -10.20 -53.38 -32.05
C VAL B 208 -9.33 -52.62 -33.05
N PRO B 209 -9.93 -51.96 -34.07
CA PRO B 209 -9.15 -51.18 -35.04
C PRO B 209 -8.86 -49.76 -34.59
N GLY B 210 -8.45 -49.61 -33.33
CA GLY B 210 -8.11 -48.30 -32.80
C GLY B 210 -9.28 -47.32 -32.79
N SER B 211 -10.48 -47.81 -32.50
CA SER B 211 -11.68 -46.98 -32.47
C SER B 211 -12.27 -47.01 -31.07
N ALA B 212 -12.30 -45.85 -30.41
CA ALA B 212 -12.85 -45.73 -29.07
C ALA B 212 -13.35 -44.31 -28.86
N THR B 213 -14.46 -44.19 -28.13
CA THR B 213 -15.06 -42.91 -27.81
C THR B 213 -15.16 -42.76 -26.30
N CYS B 214 -15.08 -41.52 -25.84
CA CYS B 214 -15.06 -41.18 -24.42
C CYS B 214 -16.42 -40.70 -23.94
N THR B 215 -17.48 -41.36 -24.42
CA THR B 215 -18.86 -40.94 -24.21
C THR B 215 -19.38 -41.29 -22.82
N VAL B 216 -20.70 -41.28 -22.67
CA VAL B 216 -21.41 -41.32 -21.39
C VAL B 216 -22.07 -42.67 -21.19
N ILE B 217 -21.40 -43.73 -21.65
CA ILE B 217 -21.92 -45.08 -21.85
C ILE B 217 -22.75 -45.59 -20.66
N LYS B 218 -22.59 -44.99 -19.49
CA LYS B 218 -23.42 -45.30 -18.34
C LYS B 218 -24.90 -45.21 -18.70
N PRO B 219 -25.79 -45.89 -17.97
CA PRO B 219 -27.21 -45.86 -18.31
C PRO B 219 -27.73 -44.46 -18.56
N MET B 220 -28.58 -44.31 -19.58
CA MET B 220 -29.00 -43.00 -20.03
C MET B 220 -29.84 -42.28 -18.98
N TRP B 221 -30.58 -43.01 -18.15
CA TRP B 221 -31.43 -42.36 -17.15
C TRP B 221 -30.59 -41.65 -16.09
N ILE B 222 -29.56 -42.32 -15.56
CA ILE B 222 -28.74 -41.74 -14.50
C ILE B 222 -27.97 -40.54 -15.03
N TYR B 223 -27.32 -40.69 -16.19
CA TYR B 223 -26.56 -39.58 -16.76
C TYR B 223 -27.48 -38.42 -17.13
N ASN B 224 -28.68 -38.73 -17.64
CA ASN B 224 -29.62 -37.68 -17.98
C ASN B 224 -30.08 -36.91 -16.75
N PHE B 225 -30.37 -37.62 -15.66
CA PHE B 225 -30.75 -36.95 -14.41
C PHE B 225 -29.61 -36.10 -13.89
N ILE B 226 -28.37 -36.61 -13.96
CA ILE B 226 -27.22 -35.85 -13.49
C ILE B 226 -27.04 -34.58 -14.31
N ILE B 227 -27.14 -34.70 -15.65
CA ILE B 227 -26.96 -33.55 -16.52
C ILE B 227 -28.07 -32.53 -16.29
N GLN B 228 -29.31 -33.00 -16.12
CA GLN B 228 -30.43 -32.09 -15.86
C GLN B 228 -30.24 -31.37 -14.53
N VAL B 229 -29.84 -32.09 -13.48
CA VAL B 229 -29.62 -31.45 -12.18
C VAL B 229 -28.51 -30.41 -12.27
N THR B 230 -27.41 -30.75 -12.94
CA THR B 230 -26.30 -29.82 -13.08
C THR B 230 -26.73 -28.58 -13.86
N SER B 231 -27.42 -28.78 -14.99
CA SER B 231 -27.84 -27.66 -15.82
C SER B 231 -28.79 -26.74 -15.06
N PHE B 232 -29.75 -27.31 -14.33
CA PHE B 232 -30.69 -26.48 -13.60
C PHE B 232 -30.02 -25.76 -12.44
N LEU B 233 -29.18 -26.46 -11.67
CA LEU B 233 -28.50 -25.82 -10.55
C LEU B 233 -27.45 -24.81 -10.99
N PHE B 234 -27.02 -24.85 -12.26
CA PHE B 234 -26.06 -23.89 -12.76
C PHE B 234 -26.69 -22.85 -13.69
N TYR B 235 -27.99 -22.94 -13.95
CA TYR B 235 -28.68 -21.90 -14.70
C TYR B 235 -29.73 -21.17 -13.87
N LEU B 236 -30.67 -21.90 -13.26
CA LEU B 236 -31.77 -21.24 -12.56
C LEU B 236 -31.28 -20.44 -11.36
N LEU B 237 -30.39 -21.02 -10.55
CA LEU B 237 -29.96 -20.33 -9.35
C LEU B 237 -28.98 -19.19 -9.65
N PRO B 238 -27.81 -19.44 -10.25
CA PRO B 238 -26.82 -18.36 -10.35
C PRO B 238 -27.19 -17.27 -11.33
N MET B 239 -27.86 -17.60 -12.44
CA MET B 239 -28.31 -16.55 -13.36
C MET B 239 -29.34 -15.65 -12.71
N THR B 240 -30.28 -16.24 -11.96
CA THR B 240 -31.24 -15.42 -11.22
C THR B 240 -30.55 -14.57 -10.18
N VAL B 241 -29.55 -15.12 -9.50
CA VAL B 241 -28.81 -14.36 -8.50
C VAL B 241 -28.12 -13.15 -9.14
N ILE B 242 -27.35 -13.39 -10.20
CA ILE B 242 -26.61 -12.30 -10.84
C ILE B 242 -27.55 -11.32 -11.52
N SER B 243 -28.75 -11.75 -11.93
CA SER B 243 -29.70 -10.83 -12.51
C SER B 243 -30.33 -9.93 -11.45
N VAL B 244 -30.86 -10.52 -10.38
CA VAL B 244 -31.57 -9.73 -9.38
C VAL B 244 -30.61 -8.85 -8.59
N LEU B 245 -29.38 -9.34 -8.31
CA LEU B 245 -28.43 -8.52 -7.58
C LEU B 245 -27.99 -7.32 -8.39
N TYR B 246 -27.66 -7.53 -9.67
CA TYR B 246 -27.27 -6.41 -10.52
C TYR B 246 -28.46 -5.49 -10.80
N TYR B 247 -29.69 -6.02 -10.77
CA TYR B 247 -30.85 -5.15 -10.92
C TYR B 247 -31.03 -4.26 -9.70
N LEU B 248 -30.85 -4.82 -8.50
CA LEU B 248 -30.88 -3.99 -7.29
C LEU B 248 -29.75 -2.96 -7.31
N MET B 249 -28.58 -3.34 -7.82
CA MET B 249 -27.50 -2.38 -7.99
C MET B 249 -27.91 -1.27 -8.96
N ALA B 250 -28.61 -1.62 -10.04
CA ALA B 250 -29.07 -0.63 -10.99
C ALA B 250 -30.05 0.34 -10.36
N LEU B 251 -31.00 -0.18 -9.57
CA LEU B 251 -31.94 0.69 -8.88
C LEU B 251 -31.22 1.60 -7.89
N ARG B 252 -30.24 1.07 -7.17
CA ARG B 252 -29.50 1.89 -6.21
C ARG B 252 -28.72 2.99 -6.91
N LEU B 253 -28.06 2.68 -8.03
CA LEU B 253 -27.30 3.69 -8.74
C LEU B 253 -28.21 4.70 -9.43
N LYS B 254 -29.43 4.29 -9.82
CA LYS B 254 -30.38 5.24 -10.38
C LYS B 254 -30.93 6.16 -9.32
N LYS B 255 -31.13 5.63 -8.11
CA LYS B 255 -31.57 6.48 -6.99
C LYS B 255 -30.46 7.44 -6.57
N ASP B 256 -29.21 7.01 -6.67
CA ASP B 256 -28.09 7.90 -6.35
C ASP B 256 -27.96 9.01 -7.38
N LYS B 257 -28.18 8.69 -8.65
CA LYS B 257 -28.08 9.68 -9.72
C LYS B 257 -29.47 10.13 -10.18
N ILE B 268 -20.90 15.10 -14.44
CA ILE B 268 -19.74 14.21 -14.35
C ILE B 268 -20.15 12.90 -13.69
N GLN B 269 -20.86 13.00 -12.57
CA GLN B 269 -21.29 11.80 -11.85
C GLN B 269 -22.43 11.10 -12.58
N ARG B 270 -23.45 11.86 -13.00
CA ARG B 270 -24.59 11.26 -13.67
C ARG B 270 -24.26 10.57 -14.98
N PRO B 271 -23.42 11.13 -15.87
CA PRO B 271 -23.03 10.36 -17.07
C PRO B 271 -22.29 9.07 -16.73
N CYS B 272 -21.44 9.10 -15.70
CA CYS B 272 -20.75 7.88 -15.28
C CYS B 272 -21.74 6.84 -14.78
N ARG B 273 -22.73 7.26 -13.99
CA ARG B 273 -23.73 6.32 -13.50
C ARG B 273 -24.56 5.75 -14.64
N LYS B 274 -24.91 6.59 -15.63
CA LYS B 274 -25.67 6.10 -16.77
C LYS B 274 -24.87 5.10 -17.60
N SER B 275 -23.57 5.38 -17.79
CA SER B 275 -22.72 4.44 -18.50
C SER B 275 -22.59 3.13 -17.74
N VAL B 276 -22.42 3.20 -16.43
CA VAL B 276 -22.36 1.99 -15.61
C VAL B 276 -23.67 1.20 -15.74
N ASN B 277 -24.80 1.90 -15.76
CA ASN B 277 -26.10 1.22 -15.85
C ASN B 277 -26.26 0.53 -17.19
N LYS B 278 -25.93 1.21 -18.28
CA LYS B 278 -26.08 0.61 -19.60
C LYS B 278 -25.10 -0.55 -19.80
N MET B 279 -23.88 -0.43 -19.25
CA MET B 279 -22.93 -1.54 -19.34
C MET B 279 -23.40 -2.71 -18.50
N LEU B 280 -24.00 -2.44 -17.34
CA LEU B 280 -24.61 -3.51 -16.55
C LEU B 280 -25.68 -4.24 -17.34
N PHE B 281 -26.58 -3.47 -17.97
CA PHE B 281 -27.65 -4.08 -18.75
C PHE B 281 -27.10 -4.95 -19.87
N VAL B 282 -26.17 -4.41 -20.66
CA VAL B 282 -25.64 -5.17 -21.79
C VAL B 282 -24.83 -6.37 -21.29
N LEU B 283 -24.18 -6.26 -20.13
CA LEU B 283 -23.39 -7.37 -19.60
C LEU B 283 -24.29 -8.52 -19.18
N VAL B 284 -25.36 -8.22 -18.44
CA VAL B 284 -26.31 -9.26 -18.07
C VAL B 284 -26.96 -9.86 -19.31
N LEU B 285 -27.25 -9.02 -20.30
CA LEU B 285 -27.87 -9.52 -21.53
C LEU B 285 -26.97 -10.52 -22.25
N VAL B 286 -25.70 -10.15 -22.46
CA VAL B 286 -24.79 -11.05 -23.16
C VAL B 286 -24.46 -12.27 -22.31
N PHE B 287 -24.44 -12.13 -20.98
CA PHE B 287 -24.20 -13.29 -20.13
C PHE B 287 -25.33 -14.30 -20.26
N ALA B 288 -26.57 -13.82 -20.22
CA ALA B 288 -27.72 -14.71 -20.40
C ALA B 288 -27.70 -15.34 -21.79
N ILE B 289 -27.47 -14.53 -22.82
CA ILE B 289 -27.50 -15.04 -24.19
C ILE B 289 -26.34 -15.98 -24.49
N CYS B 290 -25.27 -15.92 -23.70
CA CYS B 290 -24.13 -16.80 -23.92
C CYS B 290 -24.19 -18.06 -23.07
N TRP B 291 -24.80 -18.00 -21.88
CA TRP B 291 -24.94 -19.19 -21.05
C TRP B 291 -26.25 -19.92 -21.28
N ALA B 292 -27.14 -19.37 -22.12
CA ALA B 292 -28.36 -20.09 -22.49
C ALA B 292 -28.09 -21.27 -23.43
N PRO B 293 -27.22 -21.15 -24.44
CA PRO B 293 -27.03 -22.31 -25.34
C PRO B 293 -26.41 -23.52 -24.68
N PHE B 294 -25.43 -23.32 -23.80
CA PHE B 294 -24.76 -24.44 -23.14
C PHE B 294 -25.73 -25.29 -22.33
N HIS B 295 -26.86 -24.71 -21.90
CA HIS B 295 -27.86 -25.45 -21.14
C HIS B 295 -29.06 -25.87 -21.99
N ILE B 296 -29.39 -25.13 -23.04
CA ILE B 296 -30.43 -25.60 -23.95
C ILE B 296 -29.95 -26.85 -24.67
N ASP B 297 -28.63 -26.99 -24.85
CA ASP B 297 -28.09 -28.23 -25.42
C ASP B 297 -28.39 -29.42 -24.51
N ARG B 298 -28.07 -29.27 -23.21
CA ARG B 298 -28.31 -30.36 -22.27
C ARG B 298 -29.80 -30.62 -22.08
N LEU B 299 -30.64 -29.59 -22.22
CA LEU B 299 -32.08 -29.82 -22.15
C LEU B 299 -32.58 -30.54 -23.39
N PHE B 300 -31.98 -30.28 -24.56
CA PHE B 300 -32.28 -31.07 -25.75
C PHE B 300 -31.81 -32.50 -25.59
N PHE B 301 -30.75 -32.72 -24.81
CA PHE B 301 -30.38 -34.09 -24.45
C PHE B 301 -31.45 -34.77 -23.62
N SER B 302 -32.30 -34.00 -22.94
CA SER B 302 -33.21 -34.55 -21.94
C SER B 302 -34.51 -35.04 -22.60
N PHE B 303 -34.87 -36.29 -22.32
CA PHE B 303 -36.20 -36.86 -22.57
C PHE B 303 -36.48 -37.08 -24.06
N VAL B 304 -35.58 -36.63 -24.94
CA VAL B 304 -35.76 -36.81 -26.38
C VAL B 304 -34.42 -37.23 -26.99
N GLU B 305 -34.36 -38.47 -27.47
CA GLU B 305 -33.22 -38.94 -28.25
C GLU B 305 -33.53 -38.97 -29.74
N GLU B 306 -34.55 -39.73 -30.14
CA GLU B 306 -35.08 -39.77 -31.50
C GLU B 306 -33.96 -39.87 -32.54
N TRP B 307 -33.24 -40.99 -32.49
CA TRP B 307 -32.11 -41.23 -33.38
C TRP B 307 -32.57 -41.26 -34.85
N SER B 308 -32.16 -40.27 -35.62
CA SER B 308 -32.51 -40.16 -37.03
C SER B 308 -31.41 -39.36 -37.72
N GLU B 309 -31.69 -38.88 -38.93
CA GLU B 309 -30.70 -38.10 -39.69
C GLU B 309 -30.93 -36.60 -39.56
N SER B 310 -32.18 -36.14 -39.73
CA SER B 310 -32.44 -34.71 -39.67
C SER B 310 -32.38 -34.18 -38.25
N LEU B 311 -32.92 -34.94 -37.29
CA LEU B 311 -32.82 -34.53 -35.90
C LEU B 311 -31.38 -34.57 -35.41
N ALA B 312 -30.61 -35.56 -35.85
CA ALA B 312 -29.18 -35.57 -35.53
C ALA B 312 -28.46 -34.38 -36.13
N ALA B 313 -28.83 -34.00 -37.36
CA ALA B 313 -28.19 -32.85 -38.00
C ALA B 313 -28.50 -31.56 -37.25
N VAL B 314 -29.77 -31.34 -36.89
CA VAL B 314 -30.11 -30.12 -36.18
C VAL B 314 -29.52 -30.14 -34.77
N PHE B 315 -29.38 -31.33 -34.16
CA PHE B 315 -28.72 -31.41 -32.87
C PHE B 315 -27.24 -31.05 -32.98
N ASN B 316 -26.58 -31.50 -34.05
CA ASN B 316 -25.18 -31.13 -34.24
C ASN B 316 -25.03 -29.64 -34.50
N LEU B 317 -25.98 -29.05 -35.24
CA LEU B 317 -25.96 -27.60 -35.45
C LEU B 317 -26.13 -26.85 -34.12
N VAL B 318 -27.06 -27.31 -33.29
CA VAL B 318 -27.24 -26.70 -31.97
C VAL B 318 -25.97 -26.84 -31.14
N HIS B 319 -25.32 -28.00 -31.22
CA HIS B 319 -24.09 -28.22 -30.46
C HIS B 319 -22.98 -27.28 -30.91
N VAL B 320 -22.80 -27.13 -32.23
CA VAL B 320 -21.70 -26.29 -32.70
C VAL B 320 -22.00 -24.81 -32.44
N VAL B 321 -23.26 -24.40 -32.52
CA VAL B 321 -23.56 -23.00 -32.22
C VAL B 321 -23.41 -22.72 -30.73
N SER B 322 -23.76 -23.70 -29.88
CA SER B 322 -23.51 -23.56 -28.45
C SER B 322 -22.02 -23.48 -28.17
N GLY B 323 -21.22 -24.29 -28.88
CA GLY B 323 -19.79 -24.25 -28.67
C GLY B 323 -19.17 -22.93 -29.07
N VAL B 324 -19.57 -22.38 -30.23
CA VAL B 324 -18.98 -21.12 -30.65
C VAL B 324 -19.46 -19.98 -29.76
N PHE B 325 -20.70 -20.04 -29.28
CA PHE B 325 -21.18 -19.02 -28.34
C PHE B 325 -20.40 -19.09 -27.03
N PHE B 326 -20.17 -20.29 -26.51
CA PHE B 326 -19.40 -20.42 -25.28
C PHE B 326 -17.96 -19.96 -25.47
N TYR B 327 -17.39 -20.22 -26.65
CA TYR B 327 -16.02 -19.79 -26.92
C TYR B 327 -15.93 -18.27 -26.97
N LEU B 328 -16.86 -17.63 -27.69
CA LEU B 328 -16.85 -16.17 -27.73
C LEU B 328 -17.13 -15.56 -26.36
N SER B 329 -17.95 -16.23 -25.55
CA SER B 329 -18.21 -15.74 -24.20
C SER B 329 -16.95 -15.80 -23.35
N SER B 330 -16.24 -16.93 -23.39
CA SER B 330 -14.99 -17.06 -22.64
C SER B 330 -13.93 -16.10 -23.15
N ALA B 331 -13.99 -15.73 -24.43
CA ALA B 331 -13.03 -14.77 -24.97
C ALA B 331 -13.38 -13.33 -24.59
N VAL B 332 -14.66 -13.01 -24.48
CA VAL B 332 -15.07 -11.64 -24.22
C VAL B 332 -15.19 -11.32 -22.72
N ASN B 333 -15.32 -12.34 -21.87
CA ASN B 333 -15.48 -12.08 -20.43
C ASN B 333 -14.31 -11.32 -19.82
N PRO B 334 -13.04 -11.68 -20.05
CA PRO B 334 -11.96 -10.91 -19.42
C PRO B 334 -11.86 -9.47 -19.93
N ILE B 335 -12.16 -9.25 -21.21
CA ILE B 335 -12.05 -7.90 -21.75
C ILE B 335 -13.28 -7.07 -21.38
N ILE B 336 -14.41 -7.71 -21.08
CA ILE B 336 -15.60 -6.96 -20.69
C ILE B 336 -15.66 -6.75 -19.18
N TYR B 337 -14.90 -7.52 -18.40
CA TYR B 337 -14.90 -7.33 -16.95
C TYR B 337 -13.86 -6.33 -16.50
N ASN B 338 -12.82 -6.11 -17.30
CA ASN B 338 -11.75 -5.16 -16.97
C ASN B 338 -11.77 -3.95 -17.90
N LEU B 339 -12.96 -3.47 -18.22
CA LEU B 339 -13.09 -2.32 -19.11
C LEU B 339 -13.12 -0.99 -18.37
N LEU B 340 -13.68 -0.97 -17.16
CA LEU B 340 -13.76 0.27 -16.41
C LEU B 340 -12.40 0.68 -15.85
N SER B 341 -11.67 -0.28 -15.29
CA SER B 341 -10.38 -0.01 -14.66
C SER B 341 -9.26 -0.37 -15.63
N ARG B 342 -8.41 0.61 -15.93
CA ARG B 342 -7.27 0.34 -16.81
C ARG B 342 -6.23 -0.55 -16.12
N ARG B 343 -6.18 -0.53 -14.79
CA ARG B 343 -5.25 -1.36 -14.04
C ARG B 343 -5.87 -2.70 -13.70
N GLY C 2 0.78 -26.42 16.55
CA GLY C 2 0.76 -26.79 17.95
C GLY C 2 1.52 -28.07 18.25
N CYS C 3 2.65 -28.24 17.56
CA CYS C 3 3.46 -29.44 17.78
C CYS C 3 4.20 -29.38 19.11
N THR C 4 4.74 -28.21 19.45
CA THR C 4 5.45 -28.00 20.71
C THR C 4 4.68 -27.02 21.57
N LEU C 5 4.39 -27.41 22.81
CA LEU C 5 3.62 -26.59 23.73
C LEU C 5 4.35 -26.48 25.05
N SER C 6 4.43 -25.26 25.58
CA SER C 6 5.03 -25.00 26.89
C SER C 6 4.12 -24.07 27.66
N ALA C 7 4.40 -23.92 28.95
CA ALA C 7 3.58 -23.07 29.80
C ALA C 7 3.68 -21.61 29.38
N GLU C 8 4.90 -21.06 29.43
CA GLU C 8 5.11 -19.67 29.02
C GLU C 8 4.82 -19.49 27.52
N ASP C 9 5.10 -20.51 26.71
CA ASP C 9 4.81 -20.42 25.29
C ASP C 9 3.31 -20.33 25.04
N LYS C 10 2.52 -21.18 25.71
CA LYS C 10 1.08 -21.11 25.56
C LYS C 10 0.52 -19.81 26.11
N ALA C 11 1.07 -19.31 27.22
CA ALA C 11 0.62 -18.03 27.75
C ALA C 11 0.87 -16.90 26.77
N ALA C 12 2.08 -16.87 26.18
CA ALA C 12 2.40 -15.83 25.20
C ALA C 12 1.53 -15.96 23.95
N VAL C 13 1.25 -17.19 23.52
CA VAL C 13 0.40 -17.38 22.35
C VAL C 13 -1.02 -16.90 22.63
N GLU C 14 -1.56 -17.21 23.81
CA GLU C 14 -2.90 -16.74 24.15
C GLU C 14 -2.95 -15.23 24.27
N ARG C 15 -1.92 -14.62 24.86
CA ARG C 15 -1.88 -13.17 24.96
C ARG C 15 -1.81 -12.53 23.58
N SER C 16 -0.99 -13.09 22.68
CA SER C 16 -0.89 -12.54 21.33
C SER C 16 -2.19 -12.72 20.57
N LYS C 17 -2.89 -13.83 20.78
CA LYS C 17 -4.17 -14.04 20.11
C LYS C 17 -5.22 -13.05 20.60
N MET C 18 -5.27 -12.82 21.91
CA MET C 18 -6.22 -11.85 22.45
C MET C 18 -5.88 -10.43 21.96
N ILE C 19 -4.59 -10.10 21.89
CA ILE C 19 -4.18 -8.79 21.42
C ILE C 19 -4.53 -8.62 19.94
N ASP C 20 -4.35 -9.67 19.14
CA ASP C 20 -4.71 -9.60 17.73
C ASP C 20 -6.21 -9.47 17.55
N ARG C 21 -7.00 -10.15 18.38
CA ARG C 21 -8.44 -10.01 18.30
C ARG C 21 -8.88 -8.59 18.66
N ASN C 22 -8.28 -8.02 19.72
CA ASN C 22 -8.59 -6.64 20.09
C ASN C 22 -8.18 -5.66 18.99
N LEU C 23 -7.03 -5.92 18.35
CA LEU C 23 -6.57 -5.04 17.27
C LEU C 23 -7.50 -5.14 16.07
N ARG C 24 -7.98 -6.33 15.74
CA ARG C 24 -8.91 -6.48 14.64
C ARG C 24 -10.23 -5.78 14.95
N GLU C 25 -10.71 -5.89 16.19
CA GLU C 25 -11.93 -5.20 16.57
C GLU C 25 -11.75 -3.69 16.48
N ASP C 26 -10.62 -3.17 16.94
CA ASP C 26 -10.38 -1.73 16.88
C ASP C 26 -10.24 -1.26 15.43
N GLY C 27 -9.61 -2.06 14.57
CA GLY C 27 -9.52 -1.71 13.18
C GLY C 27 -10.86 -1.71 12.47
N GLU C 28 -11.72 -2.68 12.83
CA GLU C 28 -13.09 -2.67 12.32
C GLU C 28 -13.84 -1.44 12.81
N LYS C 29 -13.56 -1.00 14.04
CA LYS C 29 -14.17 0.22 14.56
C LYS C 29 -13.52 1.46 13.95
N ALA C 30 -12.23 1.39 13.65
CA ALA C 30 -11.53 2.54 13.09
C ALA C 30 -11.81 2.71 11.60
N ALA C 31 -12.09 1.61 10.89
CA ALA C 31 -12.37 1.69 9.47
C ALA C 31 -13.80 2.13 9.18
N ARG C 32 -14.72 1.98 10.14
CA ARG C 32 -16.09 2.42 9.92
C ARG C 32 -16.18 3.94 9.81
N GLU C 33 -15.39 4.65 10.61
CA GLU C 33 -15.36 6.10 10.54
C GLU C 33 -14.52 6.56 9.36
N VAL C 34 -14.72 7.82 8.96
CA VAL C 34 -14.01 8.42 7.85
C VAL C 34 -13.06 9.49 8.37
N LYS C 35 -11.90 9.60 7.75
CA LYS C 35 -10.88 10.56 8.12
C LYS C 35 -10.72 11.58 7.00
N LEU C 36 -11.02 12.84 7.29
CA LEU C 36 -10.95 13.91 6.30
C LEU C 36 -10.05 15.02 6.83
N LEU C 37 -9.19 15.53 5.95
CA LEU C 37 -8.17 16.51 6.32
C LEU C 37 -8.66 17.93 6.09
N LEU C 38 -8.18 18.85 6.92
CA LEU C 38 -8.51 20.26 6.84
C LEU C 38 -7.26 21.07 6.53
N LEU C 39 -7.34 21.90 5.49
CA LEU C 39 -6.25 22.80 5.11
C LEU C 39 -6.81 24.21 5.10
N GLY C 40 -6.48 24.99 6.13
CA GLY C 40 -7.02 26.32 6.29
C GLY C 40 -6.37 27.38 5.43
N ALA C 41 -5.05 27.27 5.26
CA ALA C 41 -4.24 28.28 4.56
C ALA C 41 -4.48 29.66 5.18
N GLY C 42 -4.20 29.74 6.48
CA GLY C 42 -4.47 30.91 7.28
C GLY C 42 -5.51 30.64 8.35
N GLU C 43 -5.59 31.58 9.28
CA GLU C 43 -6.52 31.46 10.41
C GLU C 43 -7.87 32.10 10.09
N SER C 44 -8.46 31.70 8.97
CA SER C 44 -9.77 32.22 8.59
C SER C 44 -10.70 31.07 8.16
N GLY C 45 -10.13 30.01 7.61
CA GLY C 45 -10.92 28.93 7.07
C GLY C 45 -11.15 27.76 7.99
N LYS C 46 -10.08 27.31 8.67
CA LYS C 46 -10.19 26.12 9.50
C LYS C 46 -11.10 26.33 10.70
N CYS C 47 -11.18 27.56 11.21
CA CYS C 47 -12.01 27.80 12.39
C CYS C 47 -13.49 27.83 12.05
N THR C 48 -13.84 28.16 10.81
CA THR C 48 -15.25 28.31 10.44
C THR C 48 -15.93 26.94 10.33
N ILE C 49 -15.24 25.97 9.73
CA ILE C 49 -15.87 24.67 9.47
C ILE C 49 -16.07 23.88 10.75
N VAL C 50 -15.20 24.07 11.75
CA VAL C 50 -15.32 23.31 12.98
C VAL C 50 -16.30 23.94 13.96
N LYS C 51 -16.60 25.23 13.81
CA LYS C 51 -17.45 25.92 14.78
C LYS C 51 -18.93 25.77 14.45
N GLN C 52 -19.27 25.48 13.19
CA GLN C 52 -20.68 25.40 12.81
C GLN C 52 -21.34 24.16 13.39
N MET C 53 -20.61 23.04 13.49
CA MET C 53 -21.21 21.82 14.01
C MET C 53 -21.43 21.91 15.52
N LYS C 54 -20.40 22.31 16.26
CA LYS C 54 -20.40 22.49 17.70
C LYS C 54 -20.67 21.20 18.48
N ILE C 55 -20.68 20.04 17.80
CA ILE C 55 -20.91 18.76 18.45
C ILE C 55 -19.62 17.95 18.39
N ILE C 56 -19.28 17.32 19.51
CA ILE C 56 -18.08 16.50 19.60
C ILE C 56 -18.44 15.18 20.27
N HIS C 57 -17.77 14.11 19.83
CA HIS C 57 -17.99 12.77 20.35
C HIS C 57 -19.45 12.34 20.24
N THR C 182 -2.15 22.93 21.55
CA THR C 182 -0.98 22.69 20.72
C THR C 182 -1.17 21.49 19.79
N GLY C 183 -0.48 21.50 18.65
CA GLY C 183 -0.59 20.43 17.70
C GLY C 183 -1.94 20.40 17.00
N ILE C 184 -2.14 19.33 16.23
CA ILE C 184 -3.40 19.17 15.52
C ILE C 184 -4.49 18.74 16.49
N VAL C 185 -5.72 19.15 16.20
CA VAL C 185 -6.88 18.81 17.02
C VAL C 185 -7.81 17.92 16.22
N GLU C 186 -8.56 17.08 16.93
CA GLU C 186 -9.50 16.15 16.31
C GLU C 186 -10.90 16.47 16.80
N THR C 187 -11.80 16.78 15.87
CA THR C 187 -13.19 17.07 16.16
C THR C 187 -14.03 15.91 15.65
N HIS C 188 -14.35 14.96 16.55
CA HIS C 188 -15.09 13.76 16.19
C HIS C 188 -16.58 14.03 16.39
N PHE C 189 -17.32 14.08 15.28
CA PHE C 189 -18.76 14.28 15.32
C PHE C 189 -19.43 13.28 14.39
N THR C 190 -20.63 12.85 14.77
CA THR C 190 -21.38 11.85 14.03
C THR C 190 -22.57 12.49 13.32
N PHE C 191 -22.97 11.91 12.20
CA PHE C 191 -24.10 12.39 11.43
C PHE C 191 -24.59 11.27 10.51
N LYS C 192 -25.88 10.99 10.57
CA LYS C 192 -26.50 9.94 9.75
C LYS C 192 -25.83 8.58 9.98
N ASP C 193 -25.59 8.25 11.25
CA ASP C 193 -24.97 6.99 11.64
C ASP C 193 -23.60 6.82 11.00
N LEU C 194 -22.87 7.92 10.87
CA LEU C 194 -21.52 7.90 10.32
C LEU C 194 -20.64 8.84 11.12
N HIS C 195 -19.48 8.33 11.56
CA HIS C 195 -18.58 9.09 12.42
C HIS C 195 -17.61 9.89 11.56
N PHE C 196 -17.61 11.19 11.74
CA PHE C 196 -16.71 12.10 11.03
C PHE C 196 -15.68 12.67 12.01
N LYS C 197 -14.47 12.91 11.53
CA LYS C 197 -13.42 13.51 12.34
C LYS C 197 -12.60 14.46 11.49
N MET C 198 -12.28 15.62 12.06
CA MET C 198 -11.53 16.66 11.38
C MET C 198 -10.15 16.80 12.01
N PHE C 199 -9.19 17.22 11.20
CA PHE C 199 -7.81 17.42 11.64
C PHE C 199 -7.35 18.82 11.24
N ASP C 200 -7.30 19.73 12.21
CA ASP C 200 -6.83 21.09 11.98
C ASP C 200 -5.30 21.07 12.01
N VAL C 201 -4.67 21.16 10.84
CA VAL C 201 -3.23 21.02 10.72
C VAL C 201 -2.55 22.35 10.39
N THR C 202 -3.29 23.46 10.42
CA THR C 202 -2.71 24.76 10.12
C THR C 202 -2.52 25.61 11.37
N ALA C 203 -2.52 24.99 12.54
CA ALA C 203 -2.31 25.73 13.78
C ALA C 203 -0.91 26.35 13.82
N GLN C 204 0.12 25.51 13.81
CA GLN C 204 1.50 26.00 13.80
C GLN C 204 2.38 24.90 13.23
N ARG C 205 2.85 25.10 12.01
CA ARG C 205 3.68 24.10 11.33
C ARG C 205 4.83 24.80 10.61
N SER C 206 6.03 24.24 10.73
CA SER C 206 7.19 24.82 10.07
C SER C 206 7.27 24.40 8.60
N GLU C 207 7.36 23.09 8.35
CA GLU C 207 7.43 22.55 7.00
C GLU C 207 6.25 21.62 6.79
N ARG C 208 5.48 21.89 5.73
CA ARG C 208 4.29 21.08 5.46
C ARG C 208 4.64 19.78 4.72
N LYS C 209 5.67 19.80 3.88
CA LYS C 209 6.02 18.63 3.07
C LYS C 209 6.53 17.46 3.89
N LYS C 210 6.81 17.65 5.19
CA LYS C 210 7.38 16.59 5.98
C LYS C 210 6.33 15.71 6.63
N TRP C 211 5.09 16.18 6.76
CA TRP C 211 4.04 15.42 7.41
C TRP C 211 2.79 15.26 6.56
N ILE C 212 2.85 15.63 5.27
CA ILE C 212 1.69 15.43 4.41
C ILE C 212 1.52 13.95 4.06
N HIS C 213 2.61 13.18 4.08
CA HIS C 213 2.52 11.76 3.81
C HIS C 213 1.80 10.99 4.90
N CYS C 214 1.66 11.58 6.10
CA CYS C 214 0.89 10.95 7.15
C CYS C 214 -0.59 10.88 6.80
N PHE C 215 -1.10 11.89 6.09
CA PHE C 215 -2.49 11.92 5.65
C PHE C 215 -2.65 11.40 4.23
N GLU C 216 -1.75 10.53 3.77
CA GLU C 216 -1.86 10.00 2.41
C GLU C 216 -3.12 9.19 2.24
N GLY C 217 -3.47 8.36 3.23
CA GLY C 217 -4.71 7.63 3.19
C GLY C 217 -5.81 8.30 3.98
N VAL C 218 -6.68 9.03 3.28
CA VAL C 218 -7.80 9.74 3.92
C VAL C 218 -9.02 9.63 3.02
N THR C 219 -10.19 9.82 3.61
CA THR C 219 -11.42 9.74 2.84
C THR C 219 -11.58 10.94 1.91
N ALA C 220 -11.36 12.14 2.44
CA ALA C 220 -11.47 13.36 1.64
C ALA C 220 -10.58 14.42 2.27
N ILE C 221 -10.56 15.60 1.65
CA ILE C 221 -9.80 16.75 2.14
C ILE C 221 -10.68 17.98 2.03
N ILE C 222 -10.85 18.68 3.14
CA ILE C 222 -11.65 19.90 3.18
C ILE C 222 -10.71 21.10 3.13
N PHE C 223 -10.81 21.89 2.07
CA PHE C 223 -9.99 23.08 1.88
C PHE C 223 -10.88 24.30 2.03
N CYS C 224 -10.67 25.06 3.10
CA CYS C 224 -11.46 26.24 3.40
C CYS C 224 -10.67 27.48 3.04
N VAL C 225 -11.23 28.33 2.21
CA VAL C 225 -10.59 29.57 1.78
C VAL C 225 -11.63 30.68 1.77
N ALA C 226 -11.24 31.87 2.20
CA ALA C 226 -12.14 33.01 2.23
C ALA C 226 -12.23 33.65 0.84
N LEU C 227 -13.40 34.22 0.54
CA LEU C 227 -13.59 34.86 -0.76
C LEU C 227 -13.07 36.29 -0.76
N SER C 228 -13.27 37.02 0.33
CA SER C 228 -12.89 38.43 0.43
C SER C 228 -11.59 38.63 1.18
N ASP C 229 -10.68 37.65 1.15
CA ASP C 229 -9.39 37.79 1.80
C ASP C 229 -8.31 38.36 0.89
N TYR C 230 -8.65 38.66 -0.37
CA TYR C 230 -7.65 39.17 -1.30
C TYR C 230 -7.26 40.61 -1.00
N ASP C 231 -8.17 41.40 -0.41
CA ASP C 231 -7.88 42.79 -0.13
C ASP C 231 -6.84 42.96 0.98
N LEU C 232 -6.65 41.94 1.82
CA LEU C 232 -5.68 41.99 2.90
C LEU C 232 -4.44 41.22 2.50
N VAL C 233 -3.28 41.79 2.79
CA VAL C 233 -1.98 41.20 2.47
C VAL C 233 -1.46 40.48 3.71
N LEU C 234 -1.10 39.20 3.55
CA LEU C 234 -0.58 38.40 4.65
C LEU C 234 0.33 37.30 4.15
N GLU C 239 3.48 36.00 -0.80
CA GLU C 239 3.22 36.85 0.35
C GLU C 239 2.64 38.20 -0.08
N MET C 240 2.65 38.45 -1.40
CA MET C 240 2.12 39.70 -1.92
C MET C 240 0.60 39.77 -1.77
N ASN C 241 -0.08 38.64 -1.99
CA ASN C 241 -1.54 38.56 -1.88
C ASN C 241 -1.91 37.30 -1.12
N ARG C 242 -2.84 37.42 -0.18
CA ARG C 242 -3.30 36.25 0.56
C ARG C 242 -4.02 35.27 -0.35
N MET C 243 -4.78 35.78 -1.32
CA MET C 243 -5.45 34.90 -2.28
C MET C 243 -4.44 34.15 -3.14
N HIS C 244 -3.36 34.82 -3.54
CA HIS C 244 -2.33 34.15 -4.32
C HIS C 244 -1.62 33.09 -3.49
N ALA C 245 -1.39 33.37 -2.21
CA ALA C 245 -0.78 32.37 -1.33
C ALA C 245 -1.70 31.16 -1.17
N SER C 246 -2.99 31.39 -1.00
CA SER C 246 -3.94 30.27 -0.90
C SER C 246 -3.98 29.48 -2.19
N MET C 247 -3.90 30.17 -3.34
CA MET C 247 -3.90 29.49 -4.63
C MET C 247 -2.65 28.61 -4.78
N LYS C 248 -1.48 29.14 -4.42
CA LYS C 248 -0.26 28.36 -4.53
C LYS C 248 -0.26 27.20 -3.54
N LEU C 249 -0.88 27.37 -2.36
CA LEU C 249 -0.97 26.26 -1.43
C LEU C 249 -1.90 25.18 -1.94
N PHE C 250 -3.03 25.58 -2.54
CA PHE C 250 -3.94 24.60 -3.15
C PHE C 250 -3.25 23.88 -4.31
N ASP C 251 -2.43 24.59 -5.07
CA ASP C 251 -1.69 23.96 -6.16
C ASP C 251 -0.69 22.94 -5.61
N SER C 252 0.06 23.31 -4.58
CA SER C 252 1.01 22.37 -3.98
C SER C 252 0.30 21.17 -3.38
N ILE C 253 -0.91 21.35 -2.86
CA ILE C 253 -1.66 20.23 -2.30
C ILE C 253 -2.16 19.31 -3.40
N CYS C 254 -2.70 19.89 -4.48
CA CYS C 254 -3.22 19.07 -5.58
C CYS C 254 -2.11 18.33 -6.29
N ASN C 255 -0.95 18.96 -6.44
CA ASN C 255 0.18 18.34 -7.13
C ASN C 255 0.94 17.34 -6.26
N ASN C 256 0.53 17.15 -5.01
CA ASN C 256 1.20 16.18 -4.15
C ASN C 256 0.94 14.77 -4.63
N LYS C 257 1.99 13.95 -4.62
CA LYS C 257 1.86 12.57 -5.08
C LYS C 257 1.04 11.72 -4.12
N TRP C 258 0.92 12.14 -2.87
CA TRP C 258 0.18 11.36 -1.88
C TRP C 258 -1.32 11.61 -1.96
N PHE C 259 -1.73 12.81 -2.36
CA PHE C 259 -3.14 13.17 -2.44
C PHE C 259 -3.70 13.06 -3.85
N THR C 260 -3.15 12.16 -4.67
CA THR C 260 -3.65 11.99 -6.04
C THR C 260 -4.99 11.28 -6.05
N ASP C 261 -5.12 10.20 -5.29
CA ASP C 261 -6.38 9.46 -5.28
C ASP C 261 -7.42 10.12 -4.39
N THR C 262 -6.98 10.74 -3.28
CA THR C 262 -7.91 11.37 -2.36
C THR C 262 -8.47 12.66 -2.96
N SER C 263 -9.79 12.82 -2.89
CA SER C 263 -10.44 14.00 -3.41
C SER C 263 -10.24 15.19 -2.48
N ILE C 264 -10.61 16.37 -2.96
CA ILE C 264 -10.49 17.62 -2.22
C ILE C 264 -11.83 18.33 -2.25
N ILE C 265 -12.32 18.73 -1.08
CA ILE C 265 -13.56 19.47 -0.95
C ILE C 265 -13.23 20.92 -0.67
N LEU C 266 -13.75 21.82 -1.51
CA LEU C 266 -13.49 23.25 -1.38
C LEU C 266 -14.65 23.92 -0.64
N PHE C 267 -14.33 24.68 0.39
CA PHE C 267 -15.31 25.43 1.16
C PHE C 267 -14.94 26.91 1.14
N LEU C 268 -15.95 27.76 1.02
CA LEU C 268 -15.76 29.21 0.97
C LEU C 268 -16.29 29.79 2.27
N ASN C 269 -15.38 30.24 3.13
CA ASN C 269 -15.77 30.66 4.47
C ASN C 269 -16.63 31.93 4.44
N LYS C 270 -16.20 32.93 3.66
CA LYS C 270 -16.89 34.22 3.60
C LYS C 270 -17.77 34.26 2.35
N LYS C 271 -19.08 34.37 2.56
CA LYS C 271 -20.05 34.45 1.46
C LYS C 271 -20.75 35.80 1.40
N ASP C 272 -21.38 36.22 2.51
CA ASP C 272 -22.06 37.51 2.51
C ASP C 272 -21.07 38.67 2.61
N LEU C 273 -19.95 38.47 3.32
CA LEU C 273 -18.95 39.52 3.43
C LEU C 273 -18.37 39.85 2.06
N PHE C 274 -18.05 38.82 1.27
CA PHE C 274 -17.55 39.07 -0.08
C PHE C 274 -18.63 39.64 -0.99
N GLU C 275 -19.89 39.23 -0.78
CA GLU C 275 -20.98 39.78 -1.58
C GLU C 275 -21.17 41.27 -1.30
N GLU C 276 -20.90 41.70 -0.07
CA GLU C 276 -20.98 43.12 0.26
C GLU C 276 -19.73 43.88 -0.16
N LYS C 277 -18.57 43.22 -0.13
CA LYS C 277 -17.31 43.90 -0.50
C LYS C 277 -17.16 44.04 -2.01
N ILE C 278 -17.75 43.13 -2.79
CA ILE C 278 -17.59 43.17 -4.24
C ILE C 278 -18.30 44.39 -4.84
N LYS C 279 -19.28 44.95 -4.14
CA LYS C 279 -19.97 46.14 -4.64
C LYS C 279 -19.05 47.36 -4.58
N LYS C 280 -18.30 47.51 -3.49
CA LYS C 280 -17.40 48.65 -3.35
C LYS C 280 -16.02 48.36 -3.91
N SER C 281 -15.53 47.14 -3.73
CA SER C 281 -14.20 46.76 -4.21
C SER C 281 -14.32 45.74 -5.32
N PRO C 282 -14.02 46.10 -6.57
CA PRO C 282 -14.11 45.13 -7.66
C PRO C 282 -13.06 44.03 -7.54
N LEU C 283 -13.21 43.01 -8.38
CA LEU C 283 -12.30 41.88 -8.39
C LEU C 283 -11.11 42.10 -9.31
N THR C 284 -11.17 43.10 -10.19
CA THR C 284 -10.09 43.32 -11.15
C THR C 284 -8.78 43.70 -10.49
N ILE C 285 -8.80 44.20 -9.26
CA ILE C 285 -7.57 44.56 -8.57
C ILE C 285 -6.78 43.31 -8.22
N CYS C 286 -7.45 42.28 -7.73
CA CYS C 286 -6.76 41.03 -7.38
C CYS C 286 -6.37 40.25 -8.63
N TYR C 287 -7.21 40.28 -9.66
CA TYR C 287 -6.96 39.56 -10.90
C TYR C 287 -7.06 40.52 -12.08
N PRO C 288 -5.94 40.91 -12.69
CA PRO C 288 -6.03 41.81 -13.85
C PRO C 288 -6.54 41.12 -15.10
N GLU C 289 -6.32 39.81 -15.25
CA GLU C 289 -6.78 39.08 -16.42
C GLU C 289 -8.27 38.77 -16.39
N TYR C 290 -8.94 38.99 -15.26
CA TYR C 290 -10.36 38.70 -15.17
C TYR C 290 -11.17 39.71 -15.98
N ALA C 291 -12.18 39.21 -16.68
CA ALA C 291 -13.05 40.05 -17.50
C ALA C 291 -14.49 39.57 -17.35
N GLY C 292 -15.39 40.49 -17.04
CA GLY C 292 -16.78 40.15 -16.86
C GLY C 292 -17.48 41.20 -16.02
N SER C 293 -18.71 40.86 -15.62
CA SER C 293 -19.53 41.74 -14.82
C SER C 293 -18.99 41.81 -13.38
N ASN C 294 -19.55 42.72 -12.60
CA ASN C 294 -19.11 42.96 -11.23
C ASN C 294 -20.07 42.40 -10.19
N THR C 295 -21.06 41.61 -10.60
CA THR C 295 -21.98 41.02 -9.64
C THR C 295 -21.29 39.93 -8.83
N TYR C 296 -21.92 39.56 -7.72
CA TYR C 296 -21.33 38.57 -6.83
C TYR C 296 -21.41 37.17 -7.44
N GLU C 297 -22.47 36.87 -8.19
CA GLU C 297 -22.66 35.53 -8.74
C GLU C 297 -21.58 35.21 -9.77
N GLU C 298 -21.33 36.15 -10.70
CA GLU C 298 -20.33 35.90 -11.72
C GLU C 298 -18.93 35.80 -11.11
N ALA C 299 -18.63 36.64 -10.11
CA ALA C 299 -17.33 36.58 -9.46
C ALA C 299 -17.14 35.26 -8.73
N ALA C 300 -18.18 34.80 -8.03
CA ALA C 300 -18.09 33.52 -7.33
C ALA C 300 -17.93 32.37 -8.31
N ALA C 301 -18.65 32.41 -9.43
CA ALA C 301 -18.51 31.36 -10.44
C ALA C 301 -17.11 31.35 -11.04
N TYR C 302 -16.56 32.53 -11.31
CA TYR C 302 -15.20 32.60 -11.85
C TYR C 302 -14.18 32.09 -10.84
N ILE C 303 -14.35 32.42 -9.56
CA ILE C 303 -13.45 31.93 -8.53
C ILE C 303 -13.53 30.40 -8.43
N GLN C 304 -14.75 29.86 -8.48
CA GLN C 304 -14.91 28.41 -8.41
C GLN C 304 -14.26 27.73 -9.61
N CYS C 305 -14.45 28.28 -10.81
CA CYS C 305 -13.85 27.69 -12.00
C CYS C 305 -12.33 27.77 -11.95
N GLN C 306 -11.77 28.91 -11.53
CA GLN C 306 -10.32 29.03 -11.48
C GLN C 306 -9.72 28.14 -10.39
N PHE C 307 -10.45 27.91 -9.30
CA PHE C 307 -9.98 26.96 -8.30
C PHE C 307 -10.05 25.52 -8.82
N GLU C 308 -11.10 25.21 -9.59
CA GLU C 308 -11.17 23.91 -10.24
C GLU C 308 -10.11 23.76 -11.32
N ASP C 309 -9.50 24.87 -11.75
CA ASP C 309 -8.45 24.83 -12.76
C ASP C 309 -7.09 24.47 -12.19
N LEU C 310 -6.89 24.62 -10.87
CA LEU C 310 -5.57 24.43 -10.28
C LEU C 310 -5.03 23.03 -10.51
N ASN C 311 -5.89 22.02 -10.49
CA ASN C 311 -5.43 20.65 -10.64
C ASN C 311 -4.87 20.42 -12.03
N LYS C 312 -3.84 19.59 -12.12
CA LYS C 312 -3.15 19.30 -13.37
C LYS C 312 -3.10 17.80 -13.56
N ARG C 313 -3.74 17.31 -14.63
CA ARG C 313 -3.76 15.89 -14.98
C ARG C 313 -4.29 15.04 -13.83
N LYS C 314 -5.39 15.49 -13.21
CA LYS C 314 -6.02 14.80 -12.09
C LYS C 314 -7.44 14.41 -12.50
N ASP C 315 -7.64 13.11 -12.75
CA ASP C 315 -8.94 12.59 -13.13
C ASP C 315 -9.54 11.63 -12.11
N THR C 316 -8.70 10.99 -11.30
CA THR C 316 -9.22 10.06 -10.29
C THR C 316 -9.93 10.81 -9.16
N LYS C 317 -9.48 12.01 -8.83
CA LYS C 317 -10.08 12.82 -7.78
C LYS C 317 -10.86 13.97 -8.40
N GLU C 318 -11.95 14.36 -7.74
CA GLU C 318 -12.80 15.45 -8.19
C GLU C 318 -12.95 16.47 -7.06
N ILE C 319 -13.06 17.73 -7.44
CA ILE C 319 -13.16 18.83 -6.47
C ILE C 319 -14.61 19.19 -6.25
N TYR C 320 -15.02 19.27 -4.99
CA TYR C 320 -16.35 19.71 -4.60
C TYR C 320 -16.25 21.11 -4.02
N THR C 321 -17.01 22.04 -4.57
CA THR C 321 -16.99 23.44 -4.15
C THR C 321 -18.35 23.81 -3.58
N HIS C 322 -18.32 24.47 -2.41
CA HIS C 322 -19.54 24.91 -1.75
C HIS C 322 -19.28 26.23 -1.04
N PHE C 323 -20.35 27.00 -0.84
CA PHE C 323 -20.29 28.29 -0.17
C PHE C 323 -20.96 28.17 1.19
N THR C 324 -20.25 28.55 2.24
CA THR C 324 -20.79 28.46 3.59
C THR C 324 -21.91 29.48 3.78
N CYS C 325 -22.97 29.06 4.45
CA CYS C 325 -24.12 29.90 4.73
C CYS C 325 -24.31 30.03 6.23
N SER C 326 -25.37 30.75 6.62
CA SER C 326 -25.61 31.01 8.04
C SER C 326 -25.96 29.74 8.79
N THR C 327 -26.84 28.91 8.25
CA THR C 327 -27.24 27.68 8.91
C THR C 327 -26.18 26.60 8.70
N ASP C 328 -25.94 25.82 9.75
CA ASP C 328 -24.95 24.76 9.69
C ASP C 328 -25.50 23.46 9.14
N THR C 329 -26.82 23.29 9.13
CA THR C 329 -27.42 22.06 8.63
C THR C 329 -27.07 21.84 7.16
N LYS C 330 -27.10 22.91 6.36
CA LYS C 330 -26.76 22.79 4.94
C LYS C 330 -25.30 22.38 4.75
N ASN C 331 -24.40 22.96 5.54
CA ASN C 331 -22.99 22.59 5.44
C ASN C 331 -22.76 21.14 5.85
N VAL C 332 -23.40 20.70 6.93
CA VAL C 332 -23.24 19.31 7.37
C VAL C 332 -23.81 18.36 6.33
N GLN C 333 -24.95 18.71 5.74
CA GLN C 333 -25.55 17.87 4.71
C GLN C 333 -24.66 17.78 3.48
N PHE C 334 -24.07 18.91 3.06
CA PHE C 334 -23.17 18.88 1.92
C PHE C 334 -21.94 18.04 2.21
N VAL C 335 -21.38 18.17 3.42
CA VAL C 335 -20.22 17.36 3.79
C VAL C 335 -20.56 15.88 3.76
N PHE C 336 -21.71 15.52 4.33
CA PHE C 336 -22.11 14.12 4.35
C PHE C 336 -22.32 13.59 2.94
N ASP C 337 -22.98 14.38 2.07
CA ASP C 337 -23.20 13.94 0.70
C ASP C 337 -21.89 13.79 -0.06
N ALA C 338 -20.95 14.71 0.17
CA ALA C 338 -19.66 14.62 -0.51
C ALA C 338 -18.88 13.38 -0.07
N VAL C 339 -18.85 13.13 1.24
CA VAL C 339 -18.16 11.92 1.74
C VAL C 339 -18.84 10.67 1.22
N THR C 340 -20.17 10.67 1.16
CA THR C 340 -20.87 9.50 0.64
C THR C 340 -20.56 9.26 -0.83
N ASP C 341 -20.53 10.33 -1.63
CA ASP C 341 -20.20 10.19 -3.04
C ASP C 341 -18.77 9.71 -3.23
N VAL C 342 -17.83 10.24 -2.42
CA VAL C 342 -16.44 9.81 -2.53
C VAL C 342 -16.30 8.34 -2.15
N ILE C 343 -17.00 7.91 -1.10
CA ILE C 343 -16.94 6.51 -0.69
C ILE C 343 -17.53 5.61 -1.77
N ILE C 344 -18.64 6.05 -2.39
CA ILE C 344 -19.24 5.26 -3.45
C ILE C 344 -18.30 5.15 -4.64
N LYS C 345 -17.64 6.25 -5.01
CA LYS C 345 -16.71 6.21 -6.13
C LYS C 345 -15.51 5.32 -5.82
N ASN C 346 -15.02 5.36 -4.57
CA ASN C 346 -13.90 4.51 -4.19
C ASN C 346 -14.31 3.04 -4.20
N ASN C 347 -15.52 2.74 -3.75
CA ASN C 347 -15.99 1.35 -3.78
C ASN C 347 -16.17 0.87 -5.22
N LEU C 348 -16.63 1.75 -6.11
CA LEU C 348 -16.77 1.37 -7.51
C LEU C 348 -15.41 1.15 -8.17
N LYS C 349 -14.42 1.97 -7.83
CA LYS C 349 -13.07 1.75 -8.34
C LYS C 349 -12.47 0.47 -7.77
N ASP C 350 -12.83 0.13 -6.53
CA ASP C 350 -12.38 -1.12 -5.93
C ASP C 350 -12.98 -2.32 -6.67
N CYS C 351 -14.31 -2.36 -6.80
CA CYS C 351 -14.96 -3.47 -7.48
C CYS C 351 -14.70 -3.46 -8.98
N GLY C 352 -14.26 -2.33 -9.53
CA GLY C 352 -14.00 -2.22 -10.95
C GLY C 352 -15.12 -1.65 -11.78
N LEU C 353 -15.91 -0.73 -11.22
CA LEU C 353 -17.01 -0.09 -11.95
C LEU C 353 -16.76 1.39 -12.19
N PHE C 354 -15.50 1.81 -12.20
CA PHE C 354 -15.17 3.22 -12.42
C PHE C 354 -13.81 3.36 -13.08
N GLU D 14 24.76 47.23 12.42
CA GLU D 14 26.03 46.60 12.76
C GLU D 14 25.95 45.09 12.57
N LEU D 15 24.82 44.62 12.05
CA LEU D 15 24.65 43.19 11.82
C LEU D 15 25.44 42.72 10.59
N ASP D 16 25.63 43.60 9.61
CA ASP D 16 26.33 43.20 8.39
C ASP D 16 27.79 42.90 8.66
N GLN D 17 28.45 43.70 9.51
CA GLN D 17 29.86 43.46 9.81
C GLN D 17 30.03 42.18 10.62
N LEU D 18 29.12 41.90 11.56
CA LEU D 18 29.20 40.65 12.30
C LEU D 18 28.93 39.45 11.40
N ARG D 19 28.00 39.60 10.45
CA ARG D 19 27.75 38.52 9.50
C ARG D 19 28.97 38.26 8.62
N GLN D 20 29.63 39.33 8.18
CA GLN D 20 30.84 39.17 7.37
C GLN D 20 31.95 38.53 8.17
N GLU D 21 32.09 38.90 9.45
CA GLU D 21 33.10 38.28 10.29
C GLU D 21 32.81 36.80 10.50
N ALA D 22 31.54 36.45 10.72
CA ALA D 22 31.18 35.05 10.87
C ALA D 22 31.43 34.27 9.59
N GLU D 23 31.14 34.87 8.43
CA GLU D 23 31.40 34.21 7.16
C GLU D 23 32.90 34.00 6.95
N GLN D 24 33.71 35.00 7.30
CA GLN D 24 35.16 34.86 7.18
C GLN D 24 35.68 33.78 8.12
N LEU D 25 35.13 33.70 9.34
CA LEU D 25 35.54 32.65 10.28
C LEU D 25 35.16 31.28 9.75
N LYS D 26 33.96 31.14 9.17
CA LYS D 26 33.55 29.87 8.60
C LYS D 26 34.43 29.48 7.42
N ASN D 27 34.80 30.46 6.58
CA ASN D 27 35.69 30.17 5.46
C ASN D 27 37.07 29.74 5.95
N GLN D 28 37.58 30.38 7.01
CA GLN D 28 38.86 29.99 7.57
C GLN D 28 38.79 28.58 8.16
N ILE D 29 37.69 28.25 8.82
CA ILE D 29 37.53 26.90 9.38
C ILE D 29 37.47 25.87 8.26
N ARG D 30 36.77 26.19 7.17
CA ARG D 30 36.69 25.27 6.04
C ARG D 30 38.06 25.09 5.38
N ASP D 31 38.83 26.18 5.28
CA ASP D 31 40.17 26.08 4.71
C ASP D 31 41.09 25.24 5.60
N ALA D 32 40.99 25.42 6.92
CA ALA D 32 41.80 24.62 7.84
C ALA D 32 41.40 23.15 7.77
N ARG D 33 40.11 22.87 7.60
CA ARG D 33 39.66 21.49 7.48
C ARG D 33 40.14 20.86 6.18
N LYS D 34 40.10 21.63 5.08
CA LYS D 34 40.56 21.10 3.80
C LYS D 34 42.08 20.95 3.76
N ALA D 35 42.80 21.75 4.56
CA ALA D 35 44.26 21.64 4.58
C ALA D 35 44.70 20.32 5.19
N CYS D 36 44.00 19.84 6.21
CA CYS D 36 44.30 18.57 6.84
C CYS D 36 43.54 17.41 6.22
N ALA D 37 42.77 17.65 5.16
CA ALA D 37 42.00 16.62 4.49
C ALA D 37 42.68 16.13 3.21
N ASP D 38 44.00 16.07 3.19
CA ASP D 38 44.72 15.61 2.00
C ASP D 38 44.41 14.14 1.72
N ALA D 39 44.33 13.32 2.76
CA ALA D 39 44.03 11.90 2.59
C ALA D 39 42.52 11.67 2.57
N THR D 40 42.11 10.66 1.81
CA THR D 40 40.72 10.25 1.70
C THR D 40 40.58 8.80 2.15
N LEU D 41 39.41 8.46 2.69
CA LEU D 41 39.16 7.08 3.10
C LEU D 41 39.00 6.14 1.90
N SER D 42 38.56 6.66 0.75
CA SER D 42 38.35 5.80 -0.41
C SER D 42 39.67 5.32 -1.01
N GLN D 43 40.77 6.03 -0.76
CA GLN D 43 42.06 5.63 -1.29
C GLN D 43 42.81 4.69 -0.37
N ILE D 44 42.32 4.45 0.85
CA ILE D 44 42.99 3.58 1.80
C ILE D 44 42.24 2.25 1.90
N THR D 45 40.94 2.28 1.64
CA THR D 45 40.13 1.08 1.76
C THR D 45 40.44 0.05 0.69
N ASN D 46 41.13 0.44 -0.39
CA ASN D 46 41.49 -0.52 -1.43
C ASN D 46 42.54 -1.51 -0.93
N ASN D 47 43.31 -1.14 0.10
CA ASN D 47 44.32 -2.05 0.64
C ASN D 47 43.66 -3.18 1.43
N ILE D 48 42.69 -2.84 2.30
CA ILE D 48 42.01 -3.86 3.09
C ILE D 48 41.07 -4.64 2.19
N ASP D 49 40.85 -5.91 2.56
CA ASP D 49 40.00 -6.80 1.78
C ASP D 49 38.55 -6.34 1.84
N PRO D 50 37.93 -6.00 0.72
CA PRO D 50 36.53 -5.56 0.74
C PRO D 50 35.59 -6.74 1.05
N VAL D 51 34.50 -6.43 1.74
CA VAL D 51 33.52 -7.46 2.10
C VAL D 51 32.82 -7.95 0.84
N GLY D 52 32.60 -9.25 0.76
CA GLY D 52 31.96 -9.86 -0.38
C GLY D 52 30.47 -9.59 -0.41
N ARG D 53 29.78 -10.34 -1.27
CA ARG D 53 28.34 -10.21 -1.41
C ARG D 53 27.64 -10.67 -0.15
N ILE D 54 26.78 -9.81 0.40
CA ILE D 54 26.03 -10.09 1.61
C ILE D 54 24.55 -10.19 1.26
N GLN D 55 23.95 -11.33 1.58
CA GLN D 55 22.53 -11.57 1.32
C GLN D 55 21.81 -11.82 2.63
N MET D 56 20.59 -11.29 2.74
CA MET D 56 19.77 -11.45 3.93
C MET D 56 18.34 -11.75 3.51
N ARG D 57 17.69 -12.67 4.23
CA ARG D 57 16.33 -13.07 3.94
C ARG D 57 15.45 -12.78 5.15
N THR D 58 14.14 -12.74 4.89
CA THR D 58 13.16 -12.47 5.95
C THR D 58 13.11 -13.65 6.90
N ARG D 59 13.64 -13.48 8.11
CA ARG D 59 13.57 -14.55 9.10
C ARG D 59 12.13 -14.76 9.57
N ARG D 60 11.48 -13.70 10.04
CA ARG D 60 10.09 -13.77 10.46
C ARG D 60 9.37 -12.52 9.98
N THR D 61 8.18 -12.71 9.39
CA THR D 61 7.37 -11.61 8.88
C THR D 61 6.33 -11.26 9.94
N LEU D 62 6.49 -10.09 10.54
CA LEU D 62 5.60 -9.66 11.62
C LEU D 62 4.29 -9.15 11.05
N ARG D 63 3.18 -9.75 11.47
CA ARG D 63 1.86 -9.39 11.00
C ARG D 63 1.01 -8.90 12.17
N GLY D 64 0.12 -7.93 11.88
CA GLY D 64 -0.75 -7.39 12.91
C GLY D 64 -0.82 -5.87 12.90
N HIS D 65 -0.24 -5.24 11.88
CA HIS D 65 -0.32 -3.80 11.71
C HIS D 65 -1.36 -3.46 10.65
N LEU D 66 -1.99 -2.29 10.81
CA LEU D 66 -3.04 -1.84 9.92
C LEU D 66 -2.73 -0.49 9.29
N ALA D 67 -1.52 0.04 9.46
CA ALA D 67 -1.16 1.33 8.90
C ALA D 67 0.36 1.37 8.71
N LYS D 68 0.85 2.50 8.19
CA LYS D 68 2.26 2.65 7.91
C LYS D 68 3.06 2.71 9.22
N ILE D 69 4.26 2.12 9.17
CA ILE D 69 5.17 2.11 10.31
C ILE D 69 6.23 3.16 10.05
N TYR D 70 6.35 4.14 10.95
CA TYR D 70 7.21 5.29 10.72
C TYR D 70 8.56 5.17 11.42
N ALA D 71 8.58 4.64 12.64
CA ALA D 71 9.84 4.51 13.36
C ALA D 71 9.78 3.29 14.27
N MET D 72 10.96 2.82 14.66
CA MET D 72 11.09 1.69 15.56
C MET D 72 12.40 1.81 16.32
N HIS D 73 12.47 1.11 17.46
CA HIS D 73 13.66 1.13 18.29
C HIS D 73 13.93 -0.27 18.82
N TRP D 74 15.19 -0.51 19.18
CA TRP D 74 15.64 -1.80 19.69
C TRP D 74 16.01 -1.67 21.16
N GLY D 75 15.64 -2.68 21.95
CA GLY D 75 16.01 -2.70 23.34
C GLY D 75 17.41 -3.26 23.57
N THR D 76 17.89 -3.09 24.79
CA THR D 76 19.22 -3.60 25.14
C THR D 76 19.24 -5.12 25.17
N ASP D 77 18.12 -5.74 25.53
CA ASP D 77 18.04 -7.19 25.52
C ASP D 77 18.00 -7.77 24.11
N SER D 78 17.77 -6.92 23.11
CA SER D 78 17.70 -7.30 21.69
C SER D 78 16.59 -8.30 21.39
N ARG D 79 15.66 -8.50 22.31
CA ARG D 79 14.55 -9.43 22.10
C ARG D 79 13.23 -8.74 21.82
N LEU D 80 13.05 -7.50 22.29
CA LEU D 80 11.80 -6.78 22.14
C LEU D 80 12.02 -5.51 21.32
N LEU D 81 11.13 -5.28 20.37
CA LEU D 81 11.16 -4.09 19.54
C LEU D 81 9.78 -3.43 19.57
N VAL D 82 9.79 -2.09 19.50
CA VAL D 82 8.57 -1.30 19.51
C VAL D 82 8.42 -0.62 18.16
N SER D 83 7.19 -0.59 17.65
CA SER D 83 6.89 0.04 16.37
C SER D 83 5.54 0.72 16.45
N ALA D 84 5.40 1.86 15.78
CA ALA D 84 4.18 2.65 15.80
C ALA D 84 3.54 2.65 14.42
N SER D 85 2.21 2.60 14.40
CA SER D 85 1.44 2.67 13.18
C SER D 85 0.46 3.83 13.23
N GLN D 86 0.06 4.32 12.06
CA GLN D 86 -0.82 5.47 11.98
C GLN D 86 -2.24 5.18 12.44
N ASP D 87 -2.61 3.92 12.66
CA ASP D 87 -3.94 3.61 13.14
C ASP D 87 -4.14 4.03 14.60
N GLY D 88 -3.05 4.13 15.35
CA GLY D 88 -3.12 4.53 16.74
C GLY D 88 -2.75 3.45 17.75
N LYS D 89 -2.08 2.38 17.31
CA LYS D 89 -1.71 1.28 18.19
C LYS D 89 -0.18 1.16 18.22
N LEU D 90 0.38 1.23 19.43
CA LEU D 90 1.81 1.05 19.64
C LEU D 90 2.03 -0.38 20.12
N ILE D 91 2.64 -1.20 19.27
CA ILE D 91 2.80 -2.62 19.51
C ILE D 91 4.27 -2.91 19.82
N ILE D 92 4.50 -3.67 20.89
CA ILE D 92 5.84 -4.15 21.23
C ILE D 92 5.94 -5.62 20.83
N TRP D 93 6.91 -5.94 19.99
CA TRP D 93 7.03 -7.25 19.38
C TRP D 93 8.21 -8.01 19.97
N ASP D 94 8.03 -9.32 20.13
CA ASP D 94 9.12 -10.21 20.49
C ASP D 94 9.77 -10.72 19.21
N SER D 95 11.04 -10.39 19.02
CA SER D 95 11.70 -10.70 17.76
C SER D 95 11.90 -12.21 17.59
N TYR D 96 12.06 -12.94 18.69
CA TYR D 96 12.37 -14.37 18.59
C TYR D 96 11.15 -15.20 18.23
N THR D 97 10.02 -14.98 18.91
CA THR D 97 8.84 -15.80 18.72
C THR D 97 7.76 -15.10 17.91
N THR D 98 7.99 -13.86 17.48
CA THR D 98 7.01 -13.08 16.70
C THR D 98 5.67 -13.04 17.45
N ASN D 99 5.71 -12.39 18.62
CA ASN D 99 4.54 -12.29 19.48
C ASN D 99 4.36 -10.85 19.94
N LYS D 100 3.11 -10.43 20.05
CA LYS D 100 2.77 -9.08 20.50
C LYS D 100 2.65 -9.11 22.02
N VAL D 101 3.71 -8.65 22.69
CA VAL D 101 3.70 -8.69 24.15
C VAL D 101 2.90 -7.51 24.74
N HIS D 102 2.85 -6.38 24.03
CA HIS D 102 2.11 -5.22 24.50
C HIS D 102 1.63 -4.41 23.31
N ALA D 103 0.32 -4.17 23.26
CA ALA D 103 -0.29 -3.32 22.24
C ALA D 103 -1.17 -2.30 22.94
N ILE D 104 -0.79 -1.03 22.87
CA ILE D 104 -1.47 0.03 23.62
C ILE D 104 -2.08 1.04 22.65
N PRO D 105 -3.28 1.52 22.93
CA PRO D 105 -3.87 2.56 22.09
C PRO D 105 -3.28 3.93 22.40
N LEU D 106 -3.26 4.79 21.39
CA LEU D 106 -2.71 6.12 21.49
C LEU D 106 -3.83 7.15 21.44
N ARG D 107 -3.70 8.22 22.22
CA ARG D 107 -4.67 9.30 22.18
C ARG D 107 -4.70 9.97 20.81
N SER D 108 -3.53 10.23 20.25
CA SER D 108 -3.40 10.78 18.89
C SER D 108 -2.94 9.66 17.98
N SER D 109 -3.80 9.27 17.02
CA SER D 109 -3.45 8.19 16.11
C SER D 109 -2.28 8.56 15.21
N TRP D 110 -2.06 9.85 14.98
CA TRP D 110 -0.97 10.31 14.13
C TRP D 110 0.32 10.31 14.94
N VAL D 111 1.13 9.27 14.75
CA VAL D 111 2.39 9.09 15.46
C VAL D 111 3.50 8.92 14.44
N MET D 112 4.66 9.52 14.73
CA MET D 112 5.76 9.56 13.77
C MET D 112 7.08 9.01 14.29
N THR D 113 7.18 8.66 15.57
CA THR D 113 8.44 8.19 16.11
C THR D 113 8.20 7.21 17.24
N CYS D 114 9.27 6.55 17.66
CA CYS D 114 9.25 5.58 18.74
C CYS D 114 10.49 5.76 19.60
N ALA D 115 10.47 5.12 20.77
CA ALA D 115 11.59 5.16 21.69
C ALA D 115 11.50 3.99 22.64
N TYR D 116 12.65 3.41 22.99
CA TYR D 116 12.73 2.30 23.92
C TYR D 116 13.81 2.59 24.94
N ALA D 117 13.43 2.60 26.22
CA ALA D 117 14.38 2.91 27.27
C ALA D 117 15.43 1.82 27.39
N PRO D 118 16.67 2.17 27.75
CA PRO D 118 17.70 1.13 27.95
C PRO D 118 17.34 0.15 29.06
N SER D 119 16.60 0.59 30.08
CA SER D 119 16.16 -0.33 31.12
C SER D 119 15.14 -1.34 30.58
N GLY D 120 14.30 -0.91 29.64
CA GLY D 120 13.32 -1.80 29.03
C GLY D 120 11.91 -1.69 29.57
N ASN D 121 11.66 -0.78 30.51
CA ASN D 121 10.35 -0.63 31.10
C ASN D 121 9.59 0.61 30.64
N TYR D 122 10.25 1.52 29.94
CA TYR D 122 9.65 2.76 29.49
C TYR D 122 9.67 2.83 27.97
N VAL D 123 8.57 3.31 27.39
CA VAL D 123 8.43 3.48 25.96
C VAL D 123 7.73 4.80 25.69
N ALA D 124 8.23 5.54 24.70
CA ALA D 124 7.68 6.84 24.34
C ALA D 124 7.48 6.91 22.83
N CYS D 125 6.43 7.62 22.41
CA CYS D 125 6.10 7.77 21.00
C CYS D 125 5.51 9.15 20.77
N GLY D 126 6.24 10.01 20.08
CA GLY D 126 5.73 11.31 19.71
C GLY D 126 5.07 11.32 18.34
N GLY D 127 4.20 12.29 18.13
CA GLY D 127 3.48 12.38 16.88
C GLY D 127 3.18 13.78 16.41
N LEU D 128 2.16 13.93 15.58
CA LEU D 128 1.80 15.25 15.07
C LEU D 128 1.21 16.15 16.15
N ASP D 129 0.60 15.55 17.17
CA ASP D 129 0.04 16.30 18.29
C ASP D 129 1.11 16.78 19.27
N ASN D 130 2.39 16.58 18.95
CA ASN D 130 3.54 16.89 19.78
C ASN D 130 3.30 16.63 21.26
N ILE D 131 2.78 15.45 21.58
CA ILE D 131 2.61 14.98 22.95
C ILE D 131 3.45 13.72 23.08
N CYS D 132 4.66 13.86 23.64
CA CYS D 132 5.58 12.72 23.81
C CYS D 132 5.10 11.86 24.97
N SER D 133 4.05 11.10 24.71
CA SER D 133 3.47 10.24 25.73
C SER D 133 4.42 9.09 26.07
N ILE D 134 4.69 8.92 27.35
CA ILE D 134 5.58 7.88 27.86
C ILE D 134 4.73 6.87 28.62
N TYR D 135 5.06 5.58 28.45
CA TYR D 135 4.32 4.50 29.06
C TYR D 135 5.24 3.64 29.92
N ASN D 136 4.74 3.22 31.08
CA ASN D 136 5.46 2.36 31.99
C ASN D 136 5.01 0.92 31.75
N LEU D 137 5.92 0.09 31.26
CA LEU D 137 5.55 -1.30 30.96
C LEU D 137 5.38 -2.12 32.23
N LYS D 138 6.28 -1.96 33.20
CA LYS D 138 6.22 -2.68 34.46
C LYS D 138 5.29 -1.94 35.40
N THR D 139 4.05 -2.43 35.52
CA THR D 139 3.06 -1.82 36.40
C THR D 139 2.39 -2.91 37.23
N ARG D 140 1.62 -2.48 38.22
CA ARG D 140 0.91 -3.43 39.07
C ARG D 140 -0.16 -4.17 38.28
N GLU D 141 -0.95 -3.44 37.49
CA GLU D 141 -1.97 -4.04 36.67
C GLU D 141 -1.37 -4.68 35.42
N GLY D 142 -2.15 -5.54 34.77
CA GLY D 142 -1.68 -6.20 33.57
C GLY D 142 -1.57 -5.26 32.38
N ASN D 143 -2.54 -4.37 32.23
CA ASN D 143 -2.56 -3.44 31.11
C ASN D 143 -1.60 -2.27 31.36
N VAL D 144 -1.01 -1.78 30.28
CA VAL D 144 -0.09 -0.64 30.36
C VAL D 144 -0.89 0.65 30.41
N ARG D 145 -0.42 1.60 31.21
CA ARG D 145 -1.09 2.88 31.38
C ARG D 145 -0.14 4.01 31.02
N VAL D 146 -0.71 5.20 30.82
CA VAL D 146 0.09 6.37 30.47
C VAL D 146 0.84 6.85 31.70
N SER D 147 2.11 7.22 31.51
CA SER D 147 2.94 7.72 32.59
C SER D 147 3.02 9.24 32.61
N ARG D 148 3.44 9.86 31.52
CA ARG D 148 3.57 11.31 31.45
C ARG D 148 3.30 11.77 30.02
N GLU D 149 3.03 13.07 29.89
CA GLU D 149 2.80 13.69 28.59
C GLU D 149 3.63 14.96 28.50
N LEU D 150 4.38 15.09 27.41
CA LEU D 150 5.27 16.23 27.19
C LEU D 150 4.74 17.02 26.01
N ALA D 151 4.17 18.20 26.29
CA ALA D 151 3.58 19.05 25.26
C ALA D 151 4.25 20.42 25.19
N GLY D 152 5.48 20.53 25.68
CA GLY D 152 6.17 21.81 25.65
C GLY D 152 6.61 22.21 24.25
N HIS D 153 6.84 21.24 23.38
CA HIS D 153 7.26 21.53 22.02
C HIS D 153 6.11 22.13 21.22
N THR D 154 6.45 23.00 20.27
CA THR D 154 5.48 23.65 19.40
C THR D 154 5.42 23.02 18.02
N GLY D 155 6.24 22.02 17.75
CA GLY D 155 6.22 21.35 16.46
C GLY D 155 6.11 19.84 16.65
N TYR D 156 5.74 19.17 15.55
CA TYR D 156 5.56 17.72 15.58
C TYR D 156 6.85 17.03 15.99
N LEU D 157 6.73 16.06 16.89
CA LEU D 157 7.89 15.31 17.38
C LEU D 157 8.44 14.45 16.25
N SER D 158 9.63 14.80 15.76
CA SER D 158 10.24 14.06 14.67
C SER D 158 10.84 12.74 15.15
N CYS D 159 11.62 12.78 16.23
CA CYS D 159 12.21 11.57 16.78
C CYS D 159 12.49 11.79 18.26
N CYS D 160 12.32 10.73 19.05
CA CYS D 160 12.57 10.76 20.47
C CYS D 160 13.45 9.57 20.87
N ARG D 161 14.44 9.83 21.71
CA ARG D 161 15.37 8.81 22.16
C ARG D 161 15.53 8.88 23.66
N PHE D 162 15.68 7.73 24.29
CA PHE D 162 15.78 7.63 25.74
C PHE D 162 17.25 7.70 26.16
N LEU D 163 17.62 8.77 26.86
CA LEU D 163 18.96 8.84 27.44
C LEU D 163 19.14 7.79 28.52
N ASP D 164 18.17 7.67 29.42
CA ASP D 164 18.16 6.66 30.47
C ASP D 164 16.71 6.48 30.93
N ASP D 165 16.53 5.80 32.06
CA ASP D 165 15.18 5.59 32.57
C ASP D 165 14.56 6.88 33.06
N ASN D 166 15.37 7.85 33.48
CA ASN D 166 14.87 9.10 34.02
C ASN D 166 14.77 10.20 32.97
N GLN D 167 15.83 10.39 32.19
CA GLN D 167 15.90 11.45 31.21
C GLN D 167 15.60 10.92 29.81
N ILE D 168 15.00 11.78 28.99
CA ILE D 168 14.66 11.45 27.61
C ILE D 168 14.86 12.70 26.76
N VAL D 169 15.55 12.55 25.64
CA VAL D 169 15.81 13.65 24.71
C VAL D 169 14.88 13.49 23.51
N THR D 170 14.33 14.60 23.04
CA THR D 170 13.33 14.59 21.98
C THR D 170 13.73 15.55 20.88
N SER D 171 13.18 15.31 19.69
CA SER D 171 13.40 16.16 18.52
C SER D 171 12.04 16.47 17.91
N SER D 172 11.72 17.76 17.79
CA SER D 172 10.41 18.20 17.35
C SER D 172 10.54 19.03 16.07
N GLY D 173 9.40 19.21 15.40
CA GLY D 173 9.34 19.93 14.14
C GLY D 173 9.47 21.43 14.27
N ASP D 174 9.63 21.96 15.49
CA ASP D 174 9.76 23.39 15.70
C ASP D 174 11.21 23.86 15.72
N THR D 175 12.08 23.19 14.96
CA THR D 175 13.50 23.48 14.75
C THR D 175 14.29 23.58 16.05
N THR D 176 13.72 23.13 17.17
CA THR D 176 14.41 23.09 18.45
C THR D 176 14.25 21.71 19.06
N CYS D 177 15.24 21.29 19.85
CA CYS D 177 15.23 20.01 20.53
C CYS D 177 15.60 20.22 21.99
N ALA D 178 14.97 19.44 22.87
CA ALA D 178 15.19 19.57 24.31
C ALA D 178 15.00 18.23 24.98
N LEU D 179 15.83 17.95 25.97
CA LEU D 179 15.71 16.72 26.75
C LEU D 179 14.78 16.94 27.93
N TRP D 180 14.04 15.89 28.27
CA TRP D 180 12.99 15.97 29.29
C TRP D 180 13.33 15.09 30.47
N ASP D 181 12.60 15.31 31.56
CA ASP D 181 12.66 14.47 32.76
C ASP D 181 11.28 13.88 32.99
N ILE D 182 11.21 12.55 33.08
CA ILE D 182 9.92 11.88 33.24
C ILE D 182 9.29 12.24 34.57
N GLU D 183 10.10 12.32 35.63
CA GLU D 183 9.56 12.67 36.94
C GLU D 183 9.13 14.13 36.99
N THR D 184 9.95 15.03 36.42
CA THR D 184 9.61 16.45 36.46
C THR D 184 8.58 16.81 35.40
N GLY D 185 8.86 16.50 34.14
CA GLY D 185 7.95 16.82 33.06
C GLY D 185 8.21 18.14 32.37
N GLN D 186 9.38 18.74 32.56
CA GLN D 186 9.72 20.02 31.96
C GLN D 186 11.08 19.93 31.31
N GLN D 187 11.32 20.83 30.35
CA GLN D 187 12.59 20.87 29.64
C GLN D 187 13.66 21.52 30.52
N THR D 188 14.68 20.75 30.89
CA THR D 188 15.78 21.31 31.67
C THR D 188 16.80 21.99 30.78
N THR D 189 17.09 21.42 29.61
CA THR D 189 18.02 21.99 28.65
C THR D 189 17.40 21.93 27.27
N THR D 190 17.50 23.04 26.54
CA THR D 190 16.92 23.16 25.22
C THR D 190 17.97 23.63 24.22
N PHE D 191 18.03 22.96 23.07
CA PHE D 191 18.97 23.28 22.01
C PHE D 191 18.21 23.95 20.87
N THR D 192 18.57 25.20 20.56
CA THR D 192 17.90 25.97 19.52
C THR D 192 18.89 26.49 18.48
N GLY D 193 20.00 25.81 18.28
CA GLY D 193 20.98 26.27 17.32
C GLY D 193 20.61 25.99 15.88
N HIS D 194 19.87 24.92 15.63
CA HIS D 194 19.49 24.55 14.28
C HIS D 194 18.40 25.47 13.75
N THR D 195 18.64 26.07 12.59
CA THR D 195 17.63 26.93 11.96
C THR D 195 16.63 26.11 11.16
N GLY D 196 17.09 25.05 10.50
CA GLY D 196 16.21 24.19 9.75
C GLY D 196 15.45 23.21 10.62
N ASP D 197 14.48 22.54 10.01
CA ASP D 197 13.67 21.56 10.72
C ASP D 197 14.46 20.28 10.94
N VAL D 198 14.56 19.86 12.19
CA VAL D 198 15.25 18.62 12.55
C VAL D 198 14.30 17.45 12.35
N MET D 199 14.81 16.37 11.75
CA MET D 199 13.98 15.23 11.36
C MET D 199 14.29 13.95 12.12
N SER D 200 15.53 13.76 12.58
CA SER D 200 15.91 12.54 13.24
C SER D 200 16.85 12.85 14.40
N LEU D 201 16.99 11.86 15.29
CA LEU D 201 17.83 11.98 16.48
C LEU D 201 18.57 10.66 16.69
N SER D 202 19.85 10.76 17.06
CA SER D 202 20.69 9.60 17.32
C SER D 202 21.48 9.82 18.60
N LEU D 203 21.50 8.80 19.45
CA LEU D 203 22.20 8.87 20.73
C LEU D 203 23.50 8.08 20.65
N ALA D 204 24.53 8.59 21.32
CA ALA D 204 25.80 7.90 21.39
C ALA D 204 25.75 6.79 22.45
N PRO D 205 26.56 5.74 22.30
CA PRO D 205 26.60 4.70 23.34
C PRO D 205 27.07 5.24 24.68
N ASP D 206 27.90 6.28 24.70
CA ASP D 206 28.30 6.89 25.96
C ASP D 206 27.23 7.81 26.53
N THR D 207 26.24 8.19 25.72
CA THR D 207 25.08 8.99 26.14
C THR D 207 25.51 10.40 26.56
N ARG D 208 26.81 10.69 26.46
CA ARG D 208 27.29 12.01 26.86
C ARG D 208 27.01 13.05 25.79
N LEU D 209 27.06 12.66 24.53
CA LEU D 209 26.81 13.59 23.42
C LEU D 209 25.86 12.94 22.43
N PHE D 210 25.30 13.77 21.55
CA PHE D 210 24.39 13.28 20.51
C PHE D 210 24.35 14.29 19.37
N VAL D 211 23.85 13.83 18.23
CA VAL D 211 23.75 14.64 17.02
C VAL D 211 22.35 14.50 16.44
N SER D 212 21.92 15.55 15.73
CA SER D 212 20.61 15.57 15.09
C SER D 212 20.74 16.16 13.71
N GLY D 213 19.87 15.70 12.80
CA GLY D 213 19.90 16.16 11.43
C GLY D 213 18.78 17.14 11.09
N ALA D 214 19.15 18.37 10.76
CA ALA D 214 18.19 19.40 10.43
C ALA D 214 17.93 19.43 8.91
N CYS D 215 16.88 20.14 8.52
CA CYS D 215 16.52 20.27 7.11
C CYS D 215 17.38 21.28 6.37
N ASP D 216 18.28 21.98 7.06
CA ASP D 216 19.16 22.97 6.43
C ASP D 216 20.47 22.35 5.95
N ALA D 217 20.47 21.04 5.68
CA ALA D 217 21.68 20.33 5.24
C ALA D 217 22.82 20.49 6.23
N SER D 218 22.48 20.50 7.52
CA SER D 218 23.46 20.69 8.57
C SER D 218 23.09 19.83 9.77
N ALA D 219 24.04 19.02 10.23
CA ALA D 219 23.90 18.21 11.43
C ALA D 219 24.99 18.61 12.41
N LYS D 220 24.60 19.02 13.61
CA LYS D 220 25.53 19.55 14.60
C LYS D 220 25.60 18.64 15.82
N LEU D 221 26.70 18.76 16.55
CA LEU D 221 26.90 17.98 17.78
C LEU D 221 26.35 18.74 18.98
N TRP D 222 25.65 18.01 19.84
CA TRP D 222 25.08 18.58 21.05
C TRP D 222 25.58 17.82 22.28
N ASP D 223 25.67 18.53 23.39
CA ASP D 223 26.11 17.96 24.66
C ASP D 223 24.92 17.86 25.61
N VAL D 224 24.75 16.69 26.23
CA VAL D 224 23.64 16.50 27.16
C VAL D 224 23.91 17.23 28.46
N ARG D 225 25.18 17.35 28.86
CA ARG D 225 25.53 17.99 30.12
C ARG D 225 25.73 19.49 29.97
N GLU D 226 26.57 19.92 29.03
CA GLU D 226 26.83 21.34 28.84
C GLU D 226 25.61 22.05 28.25
N GLY D 227 25.01 21.47 27.21
CA GLY D 227 23.85 22.06 26.59
C GLY D 227 24.14 23.06 25.50
N MET D 228 25.35 23.06 24.94
CA MET D 228 25.74 23.99 23.89
C MET D 228 26.09 23.22 22.63
N CYS D 229 26.22 23.97 21.53
CA CYS D 229 26.56 23.39 20.23
C CYS D 229 28.08 23.24 20.15
N ARG D 230 28.55 21.99 20.07
CA ARG D 230 29.99 21.74 20.04
C ARG D 230 30.55 21.93 18.63
N GLN D 231 30.07 21.14 17.68
CA GLN D 231 30.56 21.19 16.30
C GLN D 231 29.39 21.01 15.35
N THR D 232 29.40 21.79 14.27
CA THR D 232 28.36 21.75 13.25
C THR D 232 28.95 21.22 11.95
N PHE D 233 28.29 20.24 11.35
CA PHE D 233 28.74 19.62 10.11
C PHE D 233 27.76 19.96 9.00
N THR D 234 28.24 20.71 8.00
CA THR D 234 27.44 21.12 6.86
C THR D 234 28.14 20.59 5.60
N GLY D 235 27.77 19.39 5.17
CA GLY D 235 28.38 18.79 4.00
C GLY D 235 27.38 18.27 2.99
N HIS D 236 26.10 18.36 3.32
CA HIS D 236 25.04 17.88 2.44
C HIS D 236 24.49 19.02 1.60
N GLU D 237 23.76 18.64 0.55
CA GLU D 237 23.13 19.60 -0.34
C GLU D 237 21.62 19.68 -0.20
N SER D 238 21.00 18.72 0.51
CA SER D 238 19.57 18.71 0.72
C SER D 238 19.28 18.45 2.19
N ASP D 239 17.99 18.41 2.53
CA ASP D 239 17.58 18.18 3.90
C ASP D 239 17.98 16.79 4.37
N ILE D 240 18.34 16.70 5.65
CA ILE D 240 18.77 15.45 6.26
C ILE D 240 17.55 14.77 6.87
N ASN D 241 17.14 13.65 6.28
CA ASN D 241 15.94 12.96 6.74
C ASN D 241 16.23 12.03 7.92
N ALA D 242 17.41 11.40 7.95
CA ALA D 242 17.76 10.47 9.01
C ALA D 242 19.22 10.62 9.36
N ILE D 243 19.58 10.11 10.54
CA ILE D 243 20.94 10.21 11.05
C ILE D 243 21.20 9.05 12.00
N CYS D 244 22.43 8.55 11.99
CA CYS D 244 22.84 7.46 12.86
C CYS D 244 24.24 7.75 13.39
N PHE D 245 24.61 7.06 14.47
CA PHE D 245 25.87 7.28 15.15
C PHE D 245 26.74 6.04 15.07
N PHE D 246 28.04 6.24 14.85
CA PHE D 246 28.97 5.12 14.77
C PHE D 246 29.17 4.50 16.15
N PRO D 247 29.25 3.16 16.23
CA PRO D 247 29.45 2.53 17.55
C PRO D 247 30.76 2.92 18.21
N ASN D 248 31.75 3.36 17.45
CA ASN D 248 33.03 3.74 18.04
C ASN D 248 32.90 5.02 18.86
N GLY D 249 32.12 5.98 18.37
CA GLY D 249 31.95 7.25 19.04
C GLY D 249 32.70 8.41 18.43
N ASN D 250 33.48 8.17 17.37
CA ASN D 250 34.27 9.22 16.75
C ASN D 250 33.63 9.78 15.47
N ALA D 251 32.69 9.05 14.87
CA ALA D 251 32.08 9.47 13.62
C ALA D 251 30.57 9.21 13.67
N PHE D 252 29.90 9.56 12.58
CA PHE D 252 28.46 9.34 12.44
C PHE D 252 28.09 9.55 10.98
N ALA D 253 26.93 9.02 10.60
CA ALA D 253 26.45 9.09 9.23
C ALA D 253 25.11 9.81 9.18
N THR D 254 24.88 10.55 8.10
CA THR D 254 23.66 11.31 7.91
C THR D 254 22.95 10.82 6.66
N GLY D 255 21.67 10.46 6.80
CA GLY D 255 20.87 10.06 5.67
C GLY D 255 19.99 11.18 5.15
N SER D 256 20.41 11.82 4.07
CA SER D 256 19.68 12.94 3.51
C SER D 256 18.61 12.45 2.54
N ASP D 257 17.94 13.40 1.89
CA ASP D 257 16.86 13.08 0.97
C ASP D 257 17.26 13.19 -0.50
N ASP D 258 18.54 13.40 -0.79
CA ASP D 258 19.03 13.50 -2.16
C ASP D 258 19.84 12.27 -2.56
N ALA D 259 19.46 11.09 -2.05
CA ALA D 259 20.02 9.80 -2.45
C ALA D 259 21.50 9.67 -2.16
N THR D 260 22.03 10.41 -1.18
CA THR D 260 23.43 10.31 -0.82
C THR D 260 23.57 10.24 0.70
N CYS D 261 24.58 9.52 1.16
CA CYS D 261 24.91 9.42 2.58
C CYS D 261 26.35 9.89 2.79
N ARG D 262 26.58 10.53 3.94
CA ARG D 262 27.89 11.07 4.26
C ARG D 262 28.25 10.70 5.69
N LEU D 263 29.50 10.29 5.88
CA LEU D 263 30.01 9.91 7.19
C LEU D 263 30.93 11.02 7.69
N PHE D 264 30.46 11.77 8.68
CA PHE D 264 31.23 12.87 9.26
C PHE D 264 31.96 12.39 10.50
N ASP D 265 33.18 12.90 10.67
CA ASP D 265 34.02 12.54 11.82
C ASP D 265 34.00 13.68 12.84
N LEU D 266 33.80 13.33 14.10
CA LEU D 266 33.75 14.34 15.16
C LEU D 266 35.10 14.99 15.36
N ARG D 267 36.18 14.20 15.39
CA ARG D 267 37.50 14.76 15.59
C ARG D 267 37.98 15.53 14.37
N ALA D 268 37.75 14.97 13.17
CA ALA D 268 38.17 15.65 11.95
C ALA D 268 37.29 16.86 11.62
N ASP D 269 36.06 16.89 12.14
CA ASP D 269 35.13 18.00 11.92
C ASP D 269 34.87 18.24 10.44
N GLN D 270 34.92 17.19 9.63
CA GLN D 270 34.70 17.31 8.20
C GLN D 270 34.20 15.98 7.66
N GLU D 271 33.59 16.04 6.47
CA GLU D 271 33.09 14.84 5.81
C GLU D 271 34.26 13.98 5.35
N LEU D 272 34.41 12.80 5.96
CA LEU D 272 35.49 11.91 5.58
C LEU D 272 35.29 11.37 4.17
N MET D 273 34.07 10.94 3.85
CA MET D 273 33.75 10.39 2.55
C MET D 273 32.24 10.35 2.39
N THR D 274 31.80 10.23 1.15
CA THR D 274 30.38 10.23 0.82
C THR D 274 30.00 8.92 0.15
N TYR D 275 28.73 8.52 0.32
CA TYR D 275 28.17 7.35 -0.34
C TYR D 275 27.20 7.84 -1.40
N SER D 276 27.66 7.86 -2.66
CA SER D 276 26.88 8.35 -3.78
C SER D 276 26.86 7.31 -4.88
N HIS D 277 25.66 6.99 -5.37
CA HIS D 277 25.48 6.04 -6.47
C HIS D 277 24.55 6.67 -7.49
N ASP D 278 24.93 6.59 -8.77
CA ASP D 278 24.16 7.24 -9.82
C ASP D 278 22.86 6.48 -10.13
N ASN D 279 22.79 5.19 -9.79
CA ASN D 279 21.60 4.42 -10.12
C ASN D 279 20.42 4.83 -9.25
N ILE D 280 20.66 5.15 -7.98
CA ILE D 280 19.61 5.52 -7.05
C ILE D 280 19.45 7.03 -7.04
N ILE D 281 18.20 7.49 -7.13
CA ILE D 281 17.88 8.91 -7.07
C ILE D 281 16.89 9.25 -5.97
N CYS D 282 16.46 8.26 -5.20
CA CYS D 282 15.48 8.46 -4.14
C CYS D 282 16.19 8.67 -2.80
N GLY D 283 15.57 9.50 -1.96
CA GLY D 283 16.18 9.86 -0.69
C GLY D 283 16.19 8.72 0.31
N ILE D 284 16.90 8.96 1.41
CA ILE D 284 17.08 7.98 2.48
C ILE D 284 16.12 8.31 3.61
N THR D 285 15.39 7.30 4.08
CA THR D 285 14.46 7.49 5.18
C THR D 285 15.05 7.10 6.53
N SER D 286 15.98 6.13 6.56
CA SER D 286 16.56 5.67 7.80
C SER D 286 17.96 5.15 7.54
N VAL D 287 18.84 5.37 8.53
CA VAL D 287 20.24 4.93 8.46
C VAL D 287 20.56 4.19 9.75
N SER D 288 21.21 3.04 9.63
CA SER D 288 21.58 2.22 10.78
C SER D 288 23.02 1.75 10.61
N PHE D 289 23.54 1.13 11.66
CA PHE D 289 24.90 0.61 11.67
C PHE D 289 24.91 -0.77 12.29
N SER D 290 25.96 -1.53 11.98
CA SER D 290 26.13 -2.87 12.53
C SER D 290 26.83 -2.77 13.89
N LYS D 291 27.25 -3.92 14.41
CA LYS D 291 27.94 -3.93 15.70
C LYS D 291 29.34 -3.33 15.59
N SER D 292 30.10 -3.74 14.58
CA SER D 292 31.44 -3.21 14.40
C SER D 292 31.43 -1.83 13.74
N GLY D 293 30.48 -1.60 12.83
CA GLY D 293 30.37 -0.33 12.15
C GLY D 293 30.85 -0.34 10.71
N ARG D 294 31.49 -1.42 10.26
CA ARG D 294 31.96 -1.49 8.88
C ARG D 294 30.81 -1.58 7.90
N LEU D 295 29.68 -2.16 8.32
CA LEU D 295 28.52 -2.33 7.46
C LEU D 295 27.39 -1.43 7.97
N LEU D 296 27.04 -0.42 7.20
CA LEU D 296 25.92 0.47 7.52
C LEU D 296 24.78 0.20 6.55
N LEU D 297 23.56 0.22 7.07
CA LEU D 297 22.38 -0.03 6.27
C LEU D 297 21.56 1.24 6.12
N ALA D 298 20.83 1.34 5.02
CA ALA D 298 20.02 2.53 4.74
C ALA D 298 18.80 2.13 3.94
N GLY D 299 17.70 2.82 4.20
CA GLY D 299 16.44 2.60 3.50
C GLY D 299 16.13 3.75 2.57
N TYR D 300 15.76 3.43 1.34
CA TYR D 300 15.50 4.41 0.31
C TYR D 300 14.02 4.39 -0.07
N ASP D 301 13.62 5.35 -0.91
CA ASP D 301 12.23 5.45 -1.35
C ASP D 301 11.90 4.51 -2.50
N ASP D 302 12.82 3.63 -2.89
CA ASP D 302 12.59 2.69 -3.99
C ASP D 302 11.97 1.38 -3.52
N PHE D 303 11.23 1.40 -2.42
CA PHE D 303 10.47 0.28 -1.86
C PHE D 303 11.37 -0.80 -1.26
N ASN D 304 12.66 -0.53 -1.08
CA ASN D 304 13.56 -1.51 -0.48
C ASN D 304 14.78 -0.80 0.08
N CYS D 305 15.37 -1.40 1.10
CA CYS D 305 16.57 -0.86 1.73
C CYS D 305 17.81 -1.51 1.15
N ASN D 306 18.90 -0.74 1.09
CA ASN D 306 20.15 -1.19 0.51
C ASN D 306 21.23 -1.27 1.58
N VAL D 307 22.11 -2.26 1.45
CA VAL D 307 23.21 -2.47 2.37
C VAL D 307 24.46 -1.84 1.76
N TRP D 308 25.10 -0.96 2.52
CA TRP D 308 26.27 -0.24 2.07
C TRP D 308 27.49 -0.61 2.90
N ASP D 309 28.67 -0.37 2.32
CA ASP D 309 29.94 -0.61 2.99
C ASP D 309 30.49 0.74 3.47
N ALA D 310 30.76 0.84 4.77
CA ALA D 310 31.24 2.10 5.32
C ALA D 310 32.65 2.43 4.87
N LEU D 311 33.46 1.42 4.57
CA LEU D 311 34.86 1.64 4.18
C LEU D 311 35.02 1.71 2.67
N LYS D 312 34.62 0.65 1.96
CA LYS D 312 34.82 0.57 0.53
C LYS D 312 33.80 1.35 -0.28
N ALA D 313 32.69 1.76 0.34
CA ALA D 313 31.65 2.56 -0.31
C ALA D 313 31.06 1.84 -1.53
N ASP D 314 30.65 0.59 -1.32
CA ASP D 314 29.98 -0.19 -2.35
C ASP D 314 28.69 -0.79 -1.79
N ARG D 315 27.74 -1.02 -2.68
CA ARG D 315 26.45 -1.62 -2.30
C ARG D 315 26.69 -3.11 -2.06
N ALA D 316 26.77 -3.50 -0.78
CA ALA D 316 27.05 -4.88 -0.45
C ALA D 316 25.87 -5.79 -0.77
N GLY D 317 24.66 -5.33 -0.48
CA GLY D 317 23.48 -6.15 -0.73
C GLY D 317 22.24 -5.29 -0.87
N VAL D 318 21.18 -5.93 -1.35
CA VAL D 318 19.88 -5.30 -1.52
C VAL D 318 18.84 -6.15 -0.80
N LEU D 319 18.05 -5.52 0.05
CA LEU D 319 17.03 -6.19 0.85
C LEU D 319 15.66 -5.76 0.32
N ALA D 320 15.13 -6.52 -0.61
CA ALA D 320 13.84 -6.23 -1.23
C ALA D 320 12.74 -7.07 -0.59
N GLY D 321 11.52 -6.91 -1.11
CA GLY D 321 10.37 -7.64 -0.62
C GLY D 321 9.35 -6.81 0.13
N HIS D 322 9.47 -5.49 0.13
CA HIS D 322 8.52 -4.61 0.81
C HIS D 322 7.51 -4.09 -0.18
N ASP D 323 6.23 -4.18 0.18
CA ASP D 323 5.16 -3.74 -0.72
C ASP D 323 5.12 -2.21 -0.83
N ASN D 324 5.47 -1.51 0.23
CA ASN D 324 5.44 -0.05 0.25
C ASN D 324 6.85 0.48 0.57
N ARG D 325 6.94 1.80 0.74
CA ARG D 325 8.22 2.43 1.01
C ARG D 325 8.69 2.12 2.43
N VAL D 326 9.99 1.89 2.57
CA VAL D 326 10.58 1.64 3.87
C VAL D 326 10.81 2.96 4.58
N SER D 327 10.51 2.99 5.88
CA SER D 327 10.64 4.21 6.68
C SER D 327 11.63 4.08 7.82
N CYS D 328 11.57 3.00 8.59
CA CYS D 328 12.43 2.80 9.74
C CYS D 328 13.40 1.66 9.50
N LEU D 329 14.53 1.71 10.21
CA LEU D 329 15.57 0.69 10.08
C LEU D 329 16.34 0.64 11.38
N GLY D 330 16.26 -0.49 12.07
CA GLY D 330 16.92 -0.64 13.36
C GLY D 330 17.73 -1.91 13.44
N VAL D 331 18.91 -1.79 14.04
CA VAL D 331 19.81 -2.91 14.26
C VAL D 331 19.97 -3.11 15.76
N THR D 332 19.99 -4.37 16.19
CA THR D 332 20.15 -4.70 17.60
C THR D 332 21.52 -4.24 18.10
N ASP D 333 21.65 -4.20 19.43
CA ASP D 333 22.91 -3.76 20.02
C ASP D 333 24.04 -4.74 19.72
N ASP D 334 23.77 -6.04 19.87
CA ASP D 334 24.78 -7.03 19.54
C ASP D 334 24.94 -7.23 18.04
N GLY D 335 23.98 -6.76 17.25
CA GLY D 335 24.04 -6.90 15.81
C GLY D 335 23.64 -8.25 15.27
N MET D 336 22.86 -9.02 16.03
CA MET D 336 22.48 -10.37 15.58
C MET D 336 21.56 -10.30 14.37
N ALA D 337 20.54 -9.45 14.43
CA ALA D 337 19.57 -9.33 13.35
C ALA D 337 19.20 -7.86 13.16
N VAL D 338 18.57 -7.57 12.03
CA VAL D 338 18.14 -6.22 11.67
C VAL D 338 16.65 -6.26 11.37
N ALA D 339 15.90 -5.34 11.97
CA ALA D 339 14.47 -5.22 11.74
C ALA D 339 14.22 -4.06 10.77
N THR D 340 13.50 -4.33 9.69
CA THR D 340 13.20 -3.33 8.68
C THR D 340 11.69 -3.14 8.62
N GLY D 341 11.24 -1.90 8.80
CA GLY D 341 9.83 -1.59 8.75
C GLY D 341 9.46 -0.66 7.61
N SER D 342 8.43 -1.02 6.86
CA SER D 342 7.98 -0.24 5.72
C SER D 342 6.53 0.20 5.93
N TRP D 343 6.06 1.03 5.00
CA TRP D 343 4.70 1.57 5.08
C TRP D 343 3.63 0.55 4.75
N ASP D 344 4.00 -0.68 4.40
CA ASP D 344 3.04 -1.73 4.09
C ASP D 344 2.53 -2.47 5.32
N SER D 345 2.71 -1.88 6.51
CA SER D 345 2.24 -2.47 7.77
C SER D 345 2.89 -3.83 8.03
N PHE D 346 4.12 -4.01 7.59
CA PHE D 346 4.84 -5.28 7.75
C PHE D 346 6.22 -5.01 8.30
N LEU D 347 6.59 -5.74 9.35
CA LEU D 347 7.93 -5.71 9.93
C LEU D 347 8.66 -6.99 9.57
N LYS D 348 9.86 -6.84 9.01
CA LYS D 348 10.66 -7.97 8.58
C LYS D 348 11.99 -7.98 9.32
N ILE D 349 12.40 -9.16 9.76
CA ILE D 349 13.66 -9.35 10.47
C ILE D 349 14.69 -9.90 9.51
N TRP D 350 15.83 -9.24 9.39
CA TRP D 350 16.88 -9.62 8.46
C TRP D 350 18.15 -9.97 9.23
N ASN D 351 18.82 -11.03 8.79
CA ASN D 351 20.06 -11.47 9.43
C ASN D 351 21.26 -10.76 8.82
N GLN E 11 20.21 37.09 19.07
CA GLN E 11 20.05 36.56 17.72
C GLN E 11 21.38 36.57 16.97
N ALA E 12 21.88 37.77 16.69
CA ALA E 12 23.15 37.89 15.98
C ALA E 12 24.33 37.57 16.89
N ARG E 13 24.24 37.95 18.17
CA ARG E 13 25.33 37.67 19.09
C ARG E 13 25.49 36.17 19.34
N LYS E 14 24.38 35.44 19.39
CA LYS E 14 24.45 33.99 19.56
C LYS E 14 25.20 33.35 18.40
N LEU E 15 24.86 33.74 17.17
CA LEU E 15 25.58 33.21 16.01
C LEU E 15 27.04 33.66 15.99
N VAL E 16 27.31 34.87 16.48
CA VAL E 16 28.69 35.35 16.53
C VAL E 16 29.52 34.46 17.46
N GLU E 17 29.01 34.22 18.67
CA GLU E 17 29.74 33.34 19.59
C GLU E 17 29.81 31.91 19.08
N GLN E 18 28.78 31.43 18.39
CA GLN E 18 28.82 30.08 17.84
C GLN E 18 29.88 29.95 16.76
N LEU E 19 30.04 30.98 15.93
CA LEU E 19 31.08 30.95 14.90
C LEU E 19 32.46 31.18 15.50
N LYS E 20 32.53 31.88 16.63
CA LYS E 20 33.83 32.14 17.27
C LYS E 20 34.34 30.94 18.05
N MET E 21 33.45 30.15 18.65
CA MET E 21 33.88 29.01 19.46
C MET E 21 34.34 27.81 18.65
N GLU E 22 34.36 27.92 17.32
CA GLU E 22 34.78 26.79 16.49
C GLU E 22 36.30 26.67 16.39
N ALA E 23 37.04 27.69 16.82
CA ALA E 23 38.49 27.66 16.66
C ALA E 23 39.18 26.96 17.82
N ASN E 24 38.61 27.02 19.02
CA ASN E 24 39.27 26.43 20.19
C ASN E 24 39.32 24.92 20.13
N ILE E 25 38.43 24.28 19.37
CA ILE E 25 38.42 22.83 19.28
C ILE E 25 39.66 22.36 18.52
N ASP E 26 40.37 21.39 19.09
CA ASP E 26 41.56 20.86 18.46
C ASP E 26 41.20 20.08 17.20
N ARG E 27 42.08 20.16 16.20
CA ARG E 27 41.88 19.50 14.92
C ARG E 27 42.98 18.47 14.71
N ILE E 28 42.58 17.26 14.30
CA ILE E 28 43.53 16.20 13.99
C ILE E 28 43.44 15.89 12.51
N LYS E 29 44.47 15.20 12.02
CA LYS E 29 44.50 14.82 10.61
C LYS E 29 43.45 13.76 10.31
N VAL E 30 42.91 13.81 9.09
CA VAL E 30 41.92 12.83 8.67
C VAL E 30 42.52 11.44 8.58
N SER E 31 43.84 11.34 8.35
CA SER E 31 44.48 10.04 8.25
C SER E 31 44.40 9.28 9.58
N LYS E 32 44.68 9.98 10.69
CA LYS E 32 44.63 9.33 11.99
C LYS E 32 43.21 8.90 12.34
N ALA E 33 42.22 9.74 12.03
CA ALA E 33 40.83 9.37 12.29
C ALA E 33 40.41 8.17 11.44
N ALA E 34 40.80 8.14 10.17
CA ALA E 34 40.49 7.02 9.32
C ALA E 34 41.15 5.74 9.80
N ALA E 35 42.40 5.85 10.28
CA ALA E 35 43.10 4.69 10.81
C ALA E 35 42.41 4.17 12.07
N ASP E 36 42.00 5.07 12.96
CA ASP E 36 41.27 4.64 14.15
C ASP E 36 39.95 3.99 13.77
N LEU E 37 39.28 4.52 12.75
CA LEU E 37 38.00 3.96 12.31
C LEU E 37 38.18 2.53 11.79
N MET E 38 39.15 2.34 10.90
CA MET E 38 39.35 1.00 10.36
C MET E 38 39.87 0.04 11.42
N ALA E 39 40.64 0.54 12.39
CA ALA E 39 41.10 -0.32 13.47
C ALA E 39 39.94 -0.77 14.35
N TYR E 40 39.03 0.14 14.68
CA TYR E 40 37.84 -0.25 15.43
C TYR E 40 36.95 -1.19 14.62
N CYS E 41 36.92 -1.02 13.30
CA CYS E 41 36.10 -1.90 12.46
C CYS E 41 36.68 -3.30 12.42
N GLU E 42 37.99 -3.42 12.26
CA GLU E 42 38.62 -4.74 12.16
C GLU E 42 38.72 -5.40 13.53
N ALA E 43 38.75 -4.62 14.61
CA ALA E 43 38.85 -5.20 15.94
C ALA E 43 37.54 -5.89 16.34
N HIS E 44 36.41 -5.31 15.97
CA HIS E 44 35.10 -5.88 16.28
C HIS E 44 34.49 -6.60 15.09
N ALA E 45 35.27 -6.86 14.04
CA ALA E 45 34.74 -7.56 12.88
C ALA E 45 34.43 -9.00 13.19
N LYS E 46 35.25 -9.64 14.04
CA LYS E 46 34.99 -11.03 14.42
C LYS E 46 33.72 -11.15 15.25
N GLU E 47 33.47 -10.18 16.13
CA GLU E 47 32.25 -10.19 16.93
C GLU E 47 31.04 -9.75 16.14
N ASP E 48 31.23 -9.18 14.96
CA ASP E 48 30.13 -8.70 14.14
C ASP E 48 29.37 -9.87 13.54
N PRO E 49 28.08 -10.05 13.84
CA PRO E 49 27.33 -11.16 13.25
C PRO E 49 26.88 -10.87 11.82
N LEU E 50 26.78 -9.58 11.47
CA LEU E 50 26.34 -9.22 10.13
C LEU E 50 27.43 -9.42 9.10
N LEU E 51 28.69 -9.18 9.46
CA LEU E 51 29.79 -9.35 8.51
C LEU E 51 30.02 -10.83 8.22
N THR E 52 30.07 -11.65 9.25
CA THR E 52 30.29 -13.09 9.09
C THR E 52 29.06 -13.84 9.58
N PRO E 53 28.37 -14.58 8.71
CA PRO E 53 27.17 -15.30 9.16
C PRO E 53 27.51 -16.36 10.19
N VAL E 54 26.62 -16.52 11.17
CA VAL E 54 26.81 -17.50 12.25
C VAL E 54 25.97 -18.73 11.95
N PRO E 55 26.34 -19.90 12.44
CA PRO E 55 25.55 -21.10 12.19
C PRO E 55 24.18 -21.02 12.86
N ALA E 56 23.26 -21.85 12.37
CA ALA E 56 21.89 -21.85 12.88
C ALA E 56 21.84 -22.32 14.33
N SER E 57 22.80 -23.14 14.76
CA SER E 57 22.80 -23.61 16.15
C SER E 57 23.07 -22.46 17.12
N GLU E 58 23.90 -21.50 16.71
CA GLU E 58 24.19 -20.34 17.55
C GLU E 58 23.30 -19.14 17.24
N ASN E 59 22.79 -19.04 16.02
CA ASN E 59 21.95 -17.91 15.64
C ASN E 59 20.57 -18.05 16.29
N PRO E 60 20.12 -17.06 17.06
CA PRO E 60 18.77 -17.16 17.67
C PRO E 60 17.66 -17.20 16.64
N PHE E 61 17.89 -16.67 15.44
CA PHE E 61 16.88 -16.67 14.38
C PHE E 61 17.15 -17.83 13.43
N ARG E 62 16.15 -18.68 13.23
CA ARG E 62 16.26 -19.84 12.36
C ARG E 62 15.06 -19.90 11.43
N GLU E 63 15.18 -20.72 10.39
CA GLU E 63 14.11 -20.90 9.42
C GLU E 63 13.00 -21.78 9.97
#